data_3FOG
# 
_entry.id   3FOG 
# 
_audit_conform.dict_name       mmcif_pdbx.dic 
_audit_conform.dict_version    5.380 
_audit_conform.dict_location   http://mmcif.pdb.org/dictionaries/ascii/mmcif_pdbx.dic 
# 
loop_
_database_2.database_id 
_database_2.database_code 
_database_2.pdbx_database_accession 
_database_2.pdbx_DOI 
PDB   3FOG         pdb_00003fog 10.2210/pdb3fog/pdb 
RCSB  RCSB050842   ?            ?                   
WWPDB D_1000050842 ?            ?                   
# 
_pdbx_database_status.status_code                     REL 
_pdbx_database_status.entry_id                        3FOG 
_pdbx_database_status.recvd_initial_deposition_date   2008-12-30 
_pdbx_database_status.deposit_site                    RCSB 
_pdbx_database_status.process_site                    PDBJ 
_pdbx_database_status.status_code_sf                  REL 
_pdbx_database_status.status_code_mr                  ? 
_pdbx_database_status.SG_entry                        Y 
_pdbx_database_status.pdb_format_compatible           Y 
_pdbx_database_status.status_code_cs                  ? 
_pdbx_database_status.status_code_nmr_data            ? 
_pdbx_database_status.methods_development_category    ? 
# 
loop_
_audit_author.name 
_audit_author.pdbx_ordinal 
'Wisniewska, M.'                       1  
'Tresaugues, L.'                       2  
'Arrowsmith, C.H.'                     3  
'Berglund, H.'                         4  
'Bountra, C.'                          5  
'Collins, R.'                          6  
'Dahlgren, L.G.'                       7  
'Edwards, A.M.'                        8  
'Flodin, S.'                           9  
'Flores, A.'                           10 
'Graslund, S.'                         11 
'Hammarstrom, M.'                      12 
'Johansson, A.'                        13 
'Johansson, I.'                        14 
'Karlberg, T.'                         15 
'Kotenyova, T.'                        16 
'Lehtio, L.'                           17 
'Moche, M.'                            18 
'Nilsson, M.E.'                        19 
'Nordlund, P.'                         20 
'Nyman, T.'                            21 
'Persson, C.'                          22 
'Sagemark, J.'                         23 
'Siponen, M.I.'                        24 
'Thorsell, A.G.'                       25 
'Van Den Berg, S.'                     26 
'Weigelt, J.'                          27 
'Welin, M.'                            28 
'Wikstrom, M.'                         29 
'Schueler, H.'                         30 
'Structural Genomics Consortium (SGC)' 31 
# 
_citation.id                        primary 
_citation.title                     'Crystal structure of the PX domain of sorting nexin-17 (SNX17)' 
_citation.journal_abbrev            'TO BE PUBLISHED' 
_citation.journal_volume            ? 
_citation.page_first                ? 
_citation.page_last                 ? 
_citation.year                      ? 
_citation.journal_id_ASTM           ? 
_citation.country                   ? 
_citation.journal_id_ISSN           ? 
_citation.journal_id_CSD            0353 
_citation.book_publisher            ? 
_citation.pdbx_database_id_PubMed   ? 
_citation.pdbx_database_id_DOI      ? 
# 
loop_
_citation_author.citation_id 
_citation_author.name 
_citation_author.ordinal 
_citation_author.identifier_ORCID 
primary 'Wisniewska, M.'   1  ? 
primary 'Tresaugues, L.'   2  ? 
primary 'Arrowsmith, C.H.' 3  ? 
primary 'Berglund, H.'     4  ? 
primary 'Bountra, C.'      5  ? 
primary 'Collins, R.'      6  ? 
primary 'Dahlgren, L.G.'   7  ? 
primary 'Edwards, A.M.'    8  ? 
primary 'Flodin, S.'       9  ? 
primary 'Flores, A.'       10 ? 
primary 'Graslund, S.'     11 ? 
primary 'Hammarstrom, M.'  12 ? 
primary 'Johansson, A.'    13 ? 
primary 'Johansson, I.'    14 ? 
primary 'Karlberg, T.'     15 ? 
primary 'Kotenyova, T.'    16 ? 
primary 'Lehtio, L.'       17 ? 
primary 'Moche, M.'        18 ? 
primary 'Nilsson, M.E.'    19 ? 
primary 'Nordlund, P.'     20 ? 
primary 'Nyman, T.'        21 ? 
primary 'Persson, C.'      22 ? 
primary 'Sagemark, J.'     23 ? 
primary 'Siponen, M.I.'    24 ? 
primary 'Thorsell, A.G.'   25 ? 
primary 'Van Den Berg, S.' 26 ? 
primary 'Weigelt, J.'      27 ? 
primary 'Welin, M.'        28 ? 
primary 'Wikstrom, M.'     29 ? 
primary 'Schueler, H.'     30 ? 
# 
_cell.entry_id           3FOG 
_cell.length_a           89.890 
_cell.length_b           89.890 
_cell.length_c           39.260 
_cell.angle_alpha        90.00 
_cell.angle_beta         90.00 
_cell.angle_gamma        120.00 
_cell.Z_PDB              6 
_cell.pdbx_unique_axis   ? 
_cell.length_a_esd       ? 
_cell.length_b_esd       ? 
_cell.length_c_esd       ? 
_cell.angle_alpha_esd    ? 
_cell.angle_beta_esd     ? 
_cell.angle_gamma_esd    ? 
# 
_symmetry.entry_id                         3FOG 
_symmetry.space_group_name_H-M             'P 3 2 1' 
_symmetry.pdbx_full_space_group_name_H-M   ? 
_symmetry.cell_setting                     ? 
_symmetry.Int_Tables_number                150 
_symmetry.space_group_name_Hall            ? 
# 
loop_
_entity.id 
_entity.type 
_entity.src_method 
_entity.pdbx_description 
_entity.formula_weight 
_entity.pdbx_number_of_molecules 
_entity.pdbx_ec 
_entity.pdbx_mutation 
_entity.pdbx_fragment 
_entity.details 
1 polymer     man 'Sorting nexin-17' 13253.858 1 ? ? 'residues 1-115' ? 
2 non-polymer syn 'SODIUM ION'       22.990    1 ? ? ?                ? 
# 
_entity_name_com.entity_id   1 
_entity_name_com.name        SNX17 
# 
_entity_poly.entity_id                      1 
_entity_poly.type                           'polypeptide(L)' 
_entity_poly.nstd_linkage                   no 
_entity_poly.nstd_monomer                   no 
_entity_poly.pdbx_seq_one_letter_code       
;MHFSIPETESRSGDSGGSAYVAYNIHVNGVLHCRVRYSQLLGLHEQLRKEYGANVLPAFPPKKLFSLTPAEVEQRREQLE
KYMQAVRQDPLLGSSETFNSFLRRAQQEAHHHHHH
;
_entity_poly.pdbx_seq_one_letter_code_can   
;MHFSIPETESRSGDSGGSAYVAYNIHVNGVLHCRVRYSQLLGLHEQLRKEYGANVLPAFPPKKLFSLTPAEVEQRREQLE
KYMQAVRQDPLLGSSETFNSFLRRAQQEAHHHHHH
;
_entity_poly.pdbx_strand_id                 A 
_entity_poly.pdbx_target_identifier         ? 
# 
loop_
_entity_poly_seq.entity_id 
_entity_poly_seq.num 
_entity_poly_seq.mon_id 
_entity_poly_seq.hetero 
1 1   MET n 
1 2   HIS n 
1 3   PHE n 
1 4   SER n 
1 5   ILE n 
1 6   PRO n 
1 7   GLU n 
1 8   THR n 
1 9   GLU n 
1 10  SER n 
1 11  ARG n 
1 12  SER n 
1 13  GLY n 
1 14  ASP n 
1 15  SER n 
1 16  GLY n 
1 17  GLY n 
1 18  SER n 
1 19  ALA n 
1 20  TYR n 
1 21  VAL n 
1 22  ALA n 
1 23  TYR n 
1 24  ASN n 
1 25  ILE n 
1 26  HIS n 
1 27  VAL n 
1 28  ASN n 
1 29  GLY n 
1 30  VAL n 
1 31  LEU n 
1 32  HIS n 
1 33  CYS n 
1 34  ARG n 
1 35  VAL n 
1 36  ARG n 
1 37  TYR n 
1 38  SER n 
1 39  GLN n 
1 40  LEU n 
1 41  LEU n 
1 42  GLY n 
1 43  LEU n 
1 44  HIS n 
1 45  GLU n 
1 46  GLN n 
1 47  LEU n 
1 48  ARG n 
1 49  LYS n 
1 50  GLU n 
1 51  TYR n 
1 52  GLY n 
1 53  ALA n 
1 54  ASN n 
1 55  VAL n 
1 56  LEU n 
1 57  PRO n 
1 58  ALA n 
1 59  PHE n 
1 60  PRO n 
1 61  PRO n 
1 62  LYS n 
1 63  LYS n 
1 64  LEU n 
1 65  PHE n 
1 66  SER n 
1 67  LEU n 
1 68  THR n 
1 69  PRO n 
1 70  ALA n 
1 71  GLU n 
1 72  VAL n 
1 73  GLU n 
1 74  GLN n 
1 75  ARG n 
1 76  ARG n 
1 77  GLU n 
1 78  GLN n 
1 79  LEU n 
1 80  GLU n 
1 81  LYS n 
1 82  TYR n 
1 83  MET n 
1 84  GLN n 
1 85  ALA n 
1 86  VAL n 
1 87  ARG n 
1 88  GLN n 
1 89  ASP n 
1 90  PRO n 
1 91  LEU n 
1 92  LEU n 
1 93  GLY n 
1 94  SER n 
1 95  SER n 
1 96  GLU n 
1 97  THR n 
1 98  PHE n 
1 99  ASN n 
1 100 SER n 
1 101 PHE n 
1 102 LEU n 
1 103 ARG n 
1 104 ARG n 
1 105 ALA n 
1 106 GLN n 
1 107 GLN n 
1 108 GLU n 
1 109 ALA n 
1 110 HIS n 
1 111 HIS n 
1 112 HIS n 
1 113 HIS n 
1 114 HIS n 
1 115 HIS n 
# 
_entity_src_gen.entity_id                          1 
_entity_src_gen.pdbx_src_id                        1 
_entity_src_gen.pdbx_alt_source_flag               sample 
_entity_src_gen.pdbx_seq_type                      ? 
_entity_src_gen.pdbx_beg_seq_num                   ? 
_entity_src_gen.pdbx_end_seq_num                   ? 
_entity_src_gen.gene_src_common_name               Human 
_entity_src_gen.gene_src_genus                     ? 
_entity_src_gen.pdbx_gene_src_gene                 'SNX17, KIAA0064' 
_entity_src_gen.gene_src_species                   ? 
_entity_src_gen.gene_src_strain                    ? 
_entity_src_gen.gene_src_tissue                    ? 
_entity_src_gen.gene_src_tissue_fraction           ? 
_entity_src_gen.gene_src_details                   ? 
_entity_src_gen.pdbx_gene_src_fragment             ? 
_entity_src_gen.pdbx_gene_src_scientific_name      'Homo sapiens' 
_entity_src_gen.pdbx_gene_src_ncbi_taxonomy_id     9606 
_entity_src_gen.pdbx_gene_src_variant              ? 
_entity_src_gen.pdbx_gene_src_cell_line            ? 
_entity_src_gen.pdbx_gene_src_atcc                 ? 
_entity_src_gen.pdbx_gene_src_organ                ? 
_entity_src_gen.pdbx_gene_src_organelle            ? 
_entity_src_gen.pdbx_gene_src_cell                 ? 
_entity_src_gen.pdbx_gene_src_cellular_location    ? 
_entity_src_gen.host_org_common_name               ? 
_entity_src_gen.pdbx_host_org_scientific_name      'Escherichia coli' 
_entity_src_gen.pdbx_host_org_ncbi_taxonomy_id     562 
_entity_src_gen.host_org_genus                     ? 
_entity_src_gen.pdbx_host_org_gene                 ? 
_entity_src_gen.pdbx_host_org_organ                ? 
_entity_src_gen.host_org_species                   ? 
_entity_src_gen.pdbx_host_org_tissue               ? 
_entity_src_gen.pdbx_host_org_tissue_fraction      ? 
_entity_src_gen.pdbx_host_org_strain               ? 
_entity_src_gen.pdbx_host_org_variant              ? 
_entity_src_gen.pdbx_host_org_cell_line            ? 
_entity_src_gen.pdbx_host_org_atcc                 ? 
_entity_src_gen.pdbx_host_org_culture_collection   ? 
_entity_src_gen.pdbx_host_org_cell                 ? 
_entity_src_gen.pdbx_host_org_organelle            ? 
_entity_src_gen.pdbx_host_org_cellular_location    ? 
_entity_src_gen.pdbx_host_org_vector_type          ? 
_entity_src_gen.pdbx_host_org_vector               ? 
_entity_src_gen.host_org_details                   ? 
_entity_src_gen.expression_system_id               ? 
_entity_src_gen.plasmid_name                       ? 
_entity_src_gen.plasmid_details                    ? 
_entity_src_gen.pdbx_description                   ? 
# 
_struct_ref.id                         1 
_struct_ref.db_name                    UNP 
_struct_ref.db_code                    SNX17_HUMAN 
_struct_ref.pdbx_db_accession          Q15036 
_struct_ref.entity_id                  1 
_struct_ref.pdbx_seq_one_letter_code   
;MHFSIPETESRSGDSGGSAYVAYNIHVNGVLHCRVRYSQLLGLHEQLRKEYGANVLPAFPPKKLFSLTPAEVEQRREQLE
KYMQAVRQDPLLGSSETFNSFLRRAQQE
;
_struct_ref.pdbx_align_begin           1 
_struct_ref.pdbx_db_isoform            ? 
# 
_struct_ref_seq.align_id                      1 
_struct_ref_seq.ref_id                        1 
_struct_ref_seq.pdbx_PDB_id_code              3FOG 
_struct_ref_seq.pdbx_strand_id                A 
_struct_ref_seq.seq_align_beg                 1 
_struct_ref_seq.pdbx_seq_align_beg_ins_code   ? 
_struct_ref_seq.seq_align_end                 108 
_struct_ref_seq.pdbx_seq_align_end_ins_code   ? 
_struct_ref_seq.pdbx_db_accession             Q15036 
_struct_ref_seq.db_align_beg                  1 
_struct_ref_seq.pdbx_db_align_beg_ins_code    ? 
_struct_ref_seq.db_align_end                  108 
_struct_ref_seq.pdbx_db_align_end_ins_code    ? 
_struct_ref_seq.pdbx_auth_seq_align_beg       1 
_struct_ref_seq.pdbx_auth_seq_align_end       108 
# 
loop_
_struct_ref_seq_dif.align_id 
_struct_ref_seq_dif.pdbx_pdb_id_code 
_struct_ref_seq_dif.mon_id 
_struct_ref_seq_dif.pdbx_pdb_strand_id 
_struct_ref_seq_dif.seq_num 
_struct_ref_seq_dif.pdbx_pdb_ins_code 
_struct_ref_seq_dif.pdbx_seq_db_name 
_struct_ref_seq_dif.pdbx_seq_db_accession_code 
_struct_ref_seq_dif.db_mon_id 
_struct_ref_seq_dif.pdbx_seq_db_seq_num 
_struct_ref_seq_dif.details 
_struct_ref_seq_dif.pdbx_auth_seq_num 
_struct_ref_seq_dif.pdbx_ordinal 
1 3FOG ALA A 109 ? UNP Q15036 ? ? 'expression tag' 109 1 
1 3FOG HIS A 110 ? UNP Q15036 ? ? 'expression tag' 110 2 
1 3FOG HIS A 111 ? UNP Q15036 ? ? 'expression tag' 111 3 
1 3FOG HIS A 112 ? UNP Q15036 ? ? 'expression tag' 112 4 
1 3FOG HIS A 113 ? UNP Q15036 ? ? 'expression tag' 113 5 
1 3FOG HIS A 114 ? UNP Q15036 ? ? 'expression tag' 114 6 
1 3FOG HIS A 115 ? UNP Q15036 ? ? 'expression tag' 115 7 
# 
loop_
_chem_comp.id 
_chem_comp.type 
_chem_comp.mon_nstd_flag 
_chem_comp.name 
_chem_comp.pdbx_synonyms 
_chem_comp.formula 
_chem_comp.formula_weight 
ALA 'L-peptide linking' y ALANINE         ? 'C3 H7 N O2'     89.093  
ARG 'L-peptide linking' y ARGININE        ? 'C6 H15 N4 O2 1' 175.209 
ASN 'L-peptide linking' y ASPARAGINE      ? 'C4 H8 N2 O3'    132.118 
ASP 'L-peptide linking' y 'ASPARTIC ACID' ? 'C4 H7 N O4'     133.103 
CYS 'L-peptide linking' y CYSTEINE        ? 'C3 H7 N O2 S'   121.158 
GLN 'L-peptide linking' y GLUTAMINE       ? 'C5 H10 N2 O3'   146.144 
GLU 'L-peptide linking' y 'GLUTAMIC ACID' ? 'C5 H9 N O4'     147.129 
GLY 'peptide linking'   y GLYCINE         ? 'C2 H5 N O2'     75.067  
HIS 'L-peptide linking' y HISTIDINE       ? 'C6 H10 N3 O2 1' 156.162 
ILE 'L-peptide linking' y ISOLEUCINE      ? 'C6 H13 N O2'    131.173 
LEU 'L-peptide linking' y LEUCINE         ? 'C6 H13 N O2'    131.173 
LYS 'L-peptide linking' y LYSINE          ? 'C6 H15 N2 O2 1' 147.195 
MET 'L-peptide linking' y METHIONINE      ? 'C5 H11 N O2 S'  149.211 
NA  non-polymer         . 'SODIUM ION'    ? 'Na 1'           22.990  
PHE 'L-peptide linking' y PHENYLALANINE   ? 'C9 H11 N O2'    165.189 
PRO 'L-peptide linking' y PROLINE         ? 'C5 H9 N O2'     115.130 
SER 'L-peptide linking' y SERINE          ? 'C3 H7 N O3'     105.093 
THR 'L-peptide linking' y THREONINE       ? 'C4 H9 N O3'     119.119 
TYR 'L-peptide linking' y TYROSINE        ? 'C9 H11 N O3'    181.189 
VAL 'L-peptide linking' y VALINE          ? 'C5 H11 N O2'    117.146 
# 
_exptl.entry_id          3FOG 
_exptl.method            'X-RAY DIFFRACTION' 
_exptl.crystals_number   1 
# 
_exptl_crystal.id                    1 
_exptl_crystal.density_meas          ? 
_exptl_crystal.density_Matthews      3.24 
_exptl_crystal.density_percent_sol   61.98 
_exptl_crystal.description           ? 
# 
_exptl_crystal_grow.crystal_id      1 
_exptl_crystal_grow.method          'VAPOR DIFFUSION, SITTING DROP' 
_exptl_crystal_grow.temp            277 
_exptl_crystal_grow.temp_details    ? 
_exptl_crystal_grow.pH              7.5 
_exptl_crystal_grow.pdbx_details    
'20% PEG 3350, 0.2M sodium fluoride, 0.1M bis-Tris propane, pH 7.5, VAPOR DIFFUSION, SITTING DROP, temperature 277K' 
_exptl_crystal_grow.pdbx_pH_range   . 
# 
_diffrn.id                     1 
_diffrn.ambient_temp           ? 
_diffrn.ambient_temp_details   ? 
_diffrn.crystal_id             1 
# 
_diffrn_detector.diffrn_id              1 
_diffrn_detector.detector               CCD 
_diffrn_detector.type                   'MARMOSAIC 225 mm CCD' 
_diffrn_detector.pdbx_collection_date   2008-08-22 
_diffrn_detector.details                ? 
# 
_diffrn_radiation.diffrn_id                        1 
_diffrn_radiation.wavelength_id                    1 
_diffrn_radiation.pdbx_monochromatic_or_laue_m_l   M 
_diffrn_radiation.monochromator                    'double crystal' 
_diffrn_radiation.pdbx_diffrn_protocol             'SINGLE WAVELENGTH' 
_diffrn_radiation.pdbx_scattering_type             x-ray 
# 
_diffrn_radiation_wavelength.id           1 
_diffrn_radiation_wavelength.wavelength   0.91841 
_diffrn_radiation_wavelength.wt           1.0 
# 
_diffrn_source.diffrn_id                   1 
_diffrn_source.source                      SYNCHROTRON 
_diffrn_source.type                        'BESSY BEAMLINE 14.2' 
_diffrn_source.pdbx_synchrotron_site       BESSY 
_diffrn_source.pdbx_synchrotron_beamline   14.2 
_diffrn_source.pdbx_wavelength             ? 
_diffrn_source.pdbx_wavelength_list        0.91841 
# 
_reflns.entry_id                     3FOG 
_reflns.observed_criterion_sigma_I   ? 
_reflns.observed_criterion_sigma_F   ? 
_reflns.d_resolution_low             30.0 
_reflns.d_resolution_high            2.8 
_reflns.number_obs                   4633 
_reflns.number_all                   4674 
_reflns.percent_possible_obs         99.1 
_reflns.pdbx_Rmerge_I_obs            ? 
_reflns.pdbx_Rsym_value              ? 
_reflns.pdbx_netI_over_sigmaI        ? 
_reflns.B_iso_Wilson_estimate        ? 
_reflns.pdbx_redundancy              ? 
_reflns.R_free_details               ? 
_reflns.limit_h_max                  ? 
_reflns.limit_h_min                  ? 
_reflns.limit_k_max                  ? 
_reflns.limit_k_min                  ? 
_reflns.limit_l_max                  ? 
_reflns.limit_l_min                  ? 
_reflns.observed_criterion_F_max     ? 
_reflns.observed_criterion_F_min     ? 
_reflns.pdbx_chi_squared             ? 
_reflns.pdbx_scaling_rejects         ? 
_reflns.pdbx_diffrn_id               1 
_reflns.pdbx_ordinal                 1 
# 
_reflns_shell.d_res_high             2.8 
_reflns_shell.d_res_low              2.87 
_reflns_shell.percent_possible_all   98.7 
_reflns_shell.Rmerge_I_obs           ? 
_reflns_shell.pdbx_Rsym_value        ? 
_reflns_shell.meanI_over_sigI_obs    ? 
_reflns_shell.pdbx_redundancy        ? 
_reflns_shell.percent_possible_obs   ? 
_reflns_shell.number_unique_all      ? 
_reflns_shell.number_measured_all    ? 
_reflns_shell.number_measured_obs    ? 
_reflns_shell.number_unique_obs      ? 
_reflns_shell.pdbx_chi_squared       ? 
_reflns_shell.pdbx_diffrn_id         ? 
_reflns_shell.pdbx_ordinal           1 
# 
_refine.entry_id                                 3FOG 
_refine.solvent_model_details                    'FLAT BULK SOLVENT MODEL' 
_refine.pdbx_method_to_determine_struct          'MOLECULAR REPLACEMENT' 
_refine.pdbx_starting_model                      1XTE 
_refine.pdbx_stereochemistry_target_values       ML 
_refine.ls_d_res_high                            2.800 
_refine.ls_d_res_low                             29.423 
_refine.pdbx_ls_sigma_F                          1.99 
_refine.ls_percent_reflns_obs                    99.250 
_refine.ls_number_reflns_obs                     4633 
_refine.ls_R_factor_obs                          0.235 
_refine.ls_R_factor_R_work                       0.230 
_refine.ls_R_factor_R_free                       0.279 
_refine.ls_percent_reflns_R_free                 10.020 
_refine.ls_number_reflns_R_free                  464 
_refine.ls_number_reflns_R_work                  4169 
_refine.B_iso_mean                               71.594 
_refine.solvent_model_param_bsol                 49.415 
_refine.solvent_model_param_ksol                 0.327 
_refine.aniso_B[1][1]                            4.216 
_refine.aniso_B[2][2]                            4.216 
_refine.aniso_B[3][3]                            -8.433 
_refine.aniso_B[1][2]                            -0.000 
_refine.aniso_B[1][3]                            -0.000 
_refine.aniso_B[2][3]                            0.000 
_refine.overall_SU_ML                            0.380 
_refine.pdbx_solvent_vdw_probe_radii             1.110 
_refine.pdbx_solvent_shrinkage_radii             0.900 
_refine.overall_FOM_work_R_set                   0.743 
_refine.B_iso_max                                128.81 
_refine.B_iso_min                                41.08 
_refine.pdbx_overall_phase_error                 30.960 
_refine.occupancy_max                            1.00 
_refine.occupancy_min                            1.00 
_refine.pdbx_refine_id                           'X-RAY DIFFRACTION' 
_refine.pdbx_diffrn_id                           1 
_refine.pdbx_TLS_residual_ADP_flag               ? 
_refine.ls_number_reflns_all                     ? 
_refine.pdbx_ls_sigma_I                          ? 
_refine.pdbx_data_cutoff_high_absF               ? 
_refine.pdbx_data_cutoff_low_absF                ? 
_refine.pdbx_data_cutoff_high_rms_absF           ? 
_refine.ls_R_factor_all                          ? 
_refine.ls_R_factor_R_free_error                 ? 
_refine.ls_R_factor_R_free_error_details         ? 
_refine.ls_number_parameters                     ? 
_refine.ls_number_restraints                     ? 
_refine.correlation_coeff_Fo_to_Fc               ? 
_refine.correlation_coeff_Fo_to_Fc_free          ? 
_refine.pdbx_solvent_ion_probe_radii             ? 
_refine.pdbx_ls_cross_valid_method               ? 
_refine.details                                  ? 
_refine.pdbx_isotropic_thermal_model             ? 
_refine.pdbx_stereochem_target_val_spec_case     ? 
_refine.pdbx_R_Free_selection_details            ? 
_refine.pdbx_overall_ESU_R                       ? 
_refine.pdbx_overall_ESU_R_Free                  ? 
_refine.overall_SU_B                             ? 
_refine.overall_SU_R_Cruickshank_DPI             ? 
_refine.pdbx_overall_SU_R_free_Cruickshank_DPI   ? 
_refine.pdbx_overall_SU_R_Blow_DPI               ? 
_refine.pdbx_overall_SU_R_free_Blow_DPI          ? 
# 
_refine_hist.pdbx_refine_id                   'X-RAY DIFFRACTION' 
_refine_hist.cycle_id                         LAST 
_refine_hist.pdbx_number_atoms_protein        818 
_refine_hist.pdbx_number_atoms_nucleic_acid   0 
_refine_hist.pdbx_number_atoms_ligand         1 
_refine_hist.number_atoms_solvent             0 
_refine_hist.number_atoms_total               819 
_refine_hist.d_res_high                       2.800 
_refine_hist.d_res_low                        29.423 
# 
loop_
_refine_ls_restr.type 
_refine_ls_restr.number 
_refine_ls_restr.dev_ideal 
_refine_ls_restr.dev_ideal_target 
_refine_ls_restr.weight 
_refine_ls_restr.pdbx_refine_id 
_refine_ls_restr.pdbx_restraint_function 
f_bond_d           838  0.006  ? ? 'X-RAY DIFFRACTION' ? 
f_angle_d          1134 0.994  ? ? 'X-RAY DIFFRACTION' ? 
f_chiral_restr     123  0.069  ? ? 'X-RAY DIFFRACTION' ? 
f_plane_restr      149  0.005  ? ? 'X-RAY DIFFRACTION' ? 
f_dihedral_angle_d 306  17.248 ? ? 'X-RAY DIFFRACTION' ? 
# 
loop_
_refine_ls_shell.pdbx_refine_id 
_refine_ls_shell.pdbx_total_number_of_bins_used 
_refine_ls_shell.d_res_high 
_refine_ls_shell.d_res_low 
_refine_ls_shell.number_reflns_R_work 
_refine_ls_shell.R_factor_R_work 
_refine_ls_shell.percent_reflns_obs 
_refine_ls_shell.R_factor_R_free 
_refine_ls_shell.R_factor_R_free_error 
_refine_ls_shell.percent_reflns_R_free 
_refine_ls_shell.number_reflns_R_free 
_refine_ls_shell.number_reflns_all 
_refine_ls_shell.R_factor_all 
'X-RAY DIFFRACTION' 3 2.8001 3.2048  1355 0.3177 99.00 0.3922 . . 151 . . 
'X-RAY DIFFRACTION' 3 3.2048 4.0361  1373 0.2359 99.00 0.3149 . . 152 . . 
'X-RAY DIFFRACTION' 3 4.0361 29.4250 1441 0.2007 99.00 0.2326 . . 161 . . 
# 
_struct.entry_id                  3FOG 
_struct.title                     'Crystal structure of the PX domain of sorting nexin-17 (SNX17)' 
_struct.pdbx_model_details        ? 
_struct.pdbx_CASP_flag            ? 
_struct.pdbx_model_type_details   ? 
# 
_struct_keywords.entry_id        3FOG 
_struct_keywords.pdbx_keywords   'PROTEIN TRANSPORT' 
_struct_keywords.text            
'helix, Structural Genomics, Structural Genomics Consortium, SGC, Cytoplasm, Endosome, Phosphoprotein, Protein transport, Transport' 
# 
loop_
_struct_asym.id 
_struct_asym.pdbx_blank_PDB_chainid_flag 
_struct_asym.pdbx_modified 
_struct_asym.entity_id 
_struct_asym.details 
A N N 1 ? 
B N N 2 ? 
# 
_struct_biol.id        1 
_struct_biol.details   ? 
# 
loop_
_struct_conf.conf_type_id 
_struct_conf.id 
_struct_conf.pdbx_PDB_helix_id 
_struct_conf.beg_label_comp_id 
_struct_conf.beg_label_asym_id 
_struct_conf.beg_label_seq_id 
_struct_conf.pdbx_beg_PDB_ins_code 
_struct_conf.end_label_comp_id 
_struct_conf.end_label_asym_id 
_struct_conf.end_label_seq_id 
_struct_conf.pdbx_end_PDB_ins_code 
_struct_conf.beg_auth_comp_id 
_struct_conf.beg_auth_asym_id 
_struct_conf.beg_auth_seq_id 
_struct_conf.end_auth_comp_id 
_struct_conf.end_auth_asym_id 
_struct_conf.end_auth_seq_id 
_struct_conf.pdbx_PDB_helix_class 
_struct_conf.details 
_struct_conf.pdbx_PDB_helix_length 
HELX_P HELX_P1 1 TYR A 37 ? GLY A 52  ? TYR A 37 GLY A 52  1 ? 16 
HELX_P HELX_P2 2 THR A 68 ? ASP A 89  ? THR A 68 ASP A 89  1 ? 22 
HELX_P HELX_P3 3 ASP A 89 ? SER A 94  ? ASP A 89 SER A 94  1 ? 6  
HELX_P HELX_P4 4 SER A 95 ? ALA A 109 ? SER A 95 ALA A 109 1 ? 15 
# 
_struct_conf_type.id          HELX_P 
_struct_conf_type.criteria    ? 
_struct_conf_type.reference   ? 
# 
_struct_sheet.id               A 
_struct_sheet.type             ? 
_struct_sheet.number_strands   3 
_struct_sheet.details          ? 
# 
loop_
_struct_sheet_order.sheet_id 
_struct_sheet_order.range_id_1 
_struct_sheet_order.range_id_2 
_struct_sheet_order.offset 
_struct_sheet_order.sense 
A 1 2 ? anti-parallel 
A 2 3 ? anti-parallel 
# 
loop_
_struct_sheet_range.sheet_id 
_struct_sheet_range.id 
_struct_sheet_range.beg_label_comp_id 
_struct_sheet_range.beg_label_asym_id 
_struct_sheet_range.beg_label_seq_id 
_struct_sheet_range.pdbx_beg_PDB_ins_code 
_struct_sheet_range.end_label_comp_id 
_struct_sheet_range.end_label_asym_id 
_struct_sheet_range.end_label_seq_id 
_struct_sheet_range.pdbx_end_PDB_ins_code 
_struct_sheet_range.beg_auth_comp_id 
_struct_sheet_range.beg_auth_asym_id 
_struct_sheet_range.beg_auth_seq_id 
_struct_sheet_range.end_auth_comp_id 
_struct_sheet_range.end_auth_asym_id 
_struct_sheet_range.end_auth_seq_id 
A 1 PHE A 3  ? SER A 4  ? PHE A 3  SER A 4  
A 2 ALA A 22 ? VAL A 27 ? ALA A 22 VAL A 27 
A 3 VAL A 30 ? ARG A 36 ? VAL A 30 ARG A 36 
# 
loop_
_pdbx_struct_sheet_hbond.sheet_id 
_pdbx_struct_sheet_hbond.range_id_1 
_pdbx_struct_sheet_hbond.range_id_2 
_pdbx_struct_sheet_hbond.range_1_label_atom_id 
_pdbx_struct_sheet_hbond.range_1_label_comp_id 
_pdbx_struct_sheet_hbond.range_1_label_asym_id 
_pdbx_struct_sheet_hbond.range_1_label_seq_id 
_pdbx_struct_sheet_hbond.range_1_PDB_ins_code 
_pdbx_struct_sheet_hbond.range_1_auth_atom_id 
_pdbx_struct_sheet_hbond.range_1_auth_comp_id 
_pdbx_struct_sheet_hbond.range_1_auth_asym_id 
_pdbx_struct_sheet_hbond.range_1_auth_seq_id 
_pdbx_struct_sheet_hbond.range_2_label_atom_id 
_pdbx_struct_sheet_hbond.range_2_label_comp_id 
_pdbx_struct_sheet_hbond.range_2_label_asym_id 
_pdbx_struct_sheet_hbond.range_2_label_seq_id 
_pdbx_struct_sheet_hbond.range_2_PDB_ins_code 
_pdbx_struct_sheet_hbond.range_2_auth_atom_id 
_pdbx_struct_sheet_hbond.range_2_auth_comp_id 
_pdbx_struct_sheet_hbond.range_2_auth_asym_id 
_pdbx_struct_sheet_hbond.range_2_auth_seq_id 
A 1 2 N SER A 4  ? N SER A 4  O HIS A 26 ? O HIS A 26 
A 2 3 N TYR A 23 ? N TYR A 23 O VAL A 35 ? O VAL A 35 
# 
_struct_site.id                   AC1 
_struct_site.pdbx_evidence_code   Software 
_struct_site.pdbx_auth_asym_id    A 
_struct_site.pdbx_auth_comp_id    NA 
_struct_site.pdbx_auth_seq_id     123 
_struct_site.pdbx_auth_ins_code   ? 
_struct_site.pdbx_num_residues    2 
_struct_site.details              'BINDING SITE FOR RESIDUE NA A 123' 
# 
loop_
_struct_site_gen.id 
_struct_site_gen.site_id 
_struct_site_gen.pdbx_num_res 
_struct_site_gen.label_comp_id 
_struct_site_gen.label_asym_id 
_struct_site_gen.label_seq_id 
_struct_site_gen.pdbx_auth_ins_code 
_struct_site_gen.auth_comp_id 
_struct_site_gen.auth_asym_id 
_struct_site_gen.auth_seq_id 
_struct_site_gen.label_atom_id 
_struct_site_gen.label_alt_id 
_struct_site_gen.symmetry 
_struct_site_gen.details 
1 AC1 2 ARG A 36 ? ARG A 36 . ? 1_555 ? 
2 AC1 2 SER A 38 ? SER A 38 . ? 1_555 ? 
# 
_atom_sites.entry_id                    3FOG 
_atom_sites.fract_transf_matrix[1][1]   0.00351667 
_atom_sites.fract_transf_matrix[1][2]   -0.00956947 
_atom_sites.fract_transf_matrix[1][3]   0.00781530 
_atom_sites.fract_transf_matrix[2][1]   -0.00890205 
_atom_sites.fract_transf_matrix[2][2]   -0.00652984 
_atom_sites.fract_transf_matrix[2][3]   0.00656768 
_atom_sites.fract_transf_matrix[3][1]   -0.00210604 
_atom_sites.fract_transf_matrix[3][2]   -0.01651621 
_atom_sites.fract_transf_matrix[3][3]   -0.01927567 
_atom_sites.fract_transf_vector[1]      -0.286705 
_atom_sites.fract_transf_vector[2]      -0.454160 
_atom_sites.fract_transf_vector[3]      -0.351014 
# 
loop_
_atom_type.symbol 
C  
N  
NA 
O  
S  
# 
loop_
_atom_site.group_PDB 
_atom_site.id 
_atom_site.type_symbol 
_atom_site.label_atom_id 
_atom_site.label_alt_id 
_atom_site.label_comp_id 
_atom_site.label_asym_id 
_atom_site.label_entity_id 
_atom_site.label_seq_id 
_atom_site.pdbx_PDB_ins_code 
_atom_site.Cartn_x 
_atom_site.Cartn_y 
_atom_site.Cartn_z 
_atom_site.occupancy 
_atom_site.B_iso_or_equiv 
_atom_site.pdbx_formal_charge 
_atom_site.auth_seq_id 
_atom_site.auth_comp_id 
_atom_site.auth_asym_id 
_atom_site.auth_atom_id 
_atom_site.pdbx_PDB_model_num 
ATOM   1   N  N   . HIS A 1 2   ? -12.527 -3.522  5.786   1.00 79.15  ? 2   HIS A N   1 
ATOM   2   C  CA  . HIS A 1 2   ? -12.637 -2.548  4.697   1.00 90.92  ? 2   HIS A CA  1 
ATOM   3   C  C   . HIS A 1 2   ? -11.510 -2.753  3.685   1.00 81.16  ? 2   HIS A C   1 
ATOM   4   O  O   . HIS A 1 2   ? -11.758 -3.161  2.547   1.00 78.66  ? 2   HIS A O   1 
ATOM   5   C  CB  . HIS A 1 2   ? -12.632 -1.115  5.253   1.00 95.23  ? 2   HIS A CB  1 
ATOM   6   C  CG  . HIS A 1 2   ? -12.872 -0.049  4.223   1.00 96.60  ? 2   HIS A CG  1 
ATOM   7   N  ND1 . HIS A 1 2   ? -12.196 1.154   4.226   1.00 91.06  ? 2   HIS A ND1 1 
ATOM   8   C  CD2 . HIS A 1 2   ? -13.718 0.001   3.165   1.00 93.47  ? 2   HIS A CD2 1 
ATOM   9   C  CE1 . HIS A 1 2   ? -12.614 1.897   3.215   1.00 91.20  ? 2   HIS A CE1 1 
ATOM   10  N  NE2 . HIS A 1 2   ? -13.536 1.219   2.554   1.00 87.58  ? 2   HIS A NE2 1 
ATOM   11  N  N   . PHE A 1 3   ? -10.277 -2.470  4.110   1.00 75.47  ? 3   PHE A N   1 
ATOM   12  C  CA  . PHE A 1 3   ? -9.081  -2.722  3.299   1.00 74.48  ? 3   PHE A CA  1 
ATOM   13  C  C   . PHE A 1 3   ? -8.431  -4.039  3.700   1.00 74.70  ? 3   PHE A C   1 
ATOM   14  O  O   . PHE A 1 3   ? -8.249  -4.305  4.889   1.00 73.26  ? 3   PHE A O   1 
ATOM   15  C  CB  . PHE A 1 3   ? -8.049  -1.605  3.486   1.00 76.12  ? 3   PHE A CB  1 
ATOM   16  C  CG  . PHE A 1 3   ? -8.169  -0.480  2.496   1.00 71.76  ? 3   PHE A CG  1 
ATOM   17  C  CD1 . PHE A 1 3   ? -7.915  -0.694  1.154   1.00 61.08  ? 3   PHE A CD1 1 
ATOM   18  C  CD2 . PHE A 1 3   ? -8.512  0.799   2.915   1.00 74.91  ? 3   PHE A CD2 1 
ATOM   19  C  CE1 . PHE A 1 3   ? -8.019  0.339   0.242   1.00 60.31  ? 3   PHE A CE1 1 
ATOM   20  C  CE2 . PHE A 1 3   ? -8.618  1.838   2.007   1.00 68.44  ? 3   PHE A CE2 1 
ATOM   21  C  CZ  . PHE A 1 3   ? -8.370  1.607   0.667   1.00 63.56  ? 3   PHE A CZ  1 
ATOM   22  N  N   . SER A 1 4   ? -8.068  -4.857  2.716   1.00 72.65  ? 4   SER A N   1 
ATOM   23  C  CA  . SER A 1 4   ? -7.414  -6.131  2.995   1.00 75.23  ? 4   SER A CA  1 
ATOM   24  C  C   . SER A 1 4   ? -6.402  -6.479  1.912   1.00 78.78  ? 4   SER A C   1 
ATOM   25  O  O   . SER A 1 4   ? -6.491  -5.974  0.792   1.00 75.64  ? 4   SER A O   1 
ATOM   26  C  CB  . SER A 1 4   ? -8.452  -7.246  3.116   1.00 70.91  ? 4   SER A CB  1 
ATOM   27  O  OG  . SER A 1 4   ? -9.365  -7.188  2.037   1.00 79.75  ? 4   SER A OG  1 
ATOM   28  N  N   . ILE A 1 5   ? -5.429  -7.323  2.251   1.00 78.01  ? 5   ILE A N   1 
ATOM   29  C  CA  . ILE A 1 5   ? -4.489  -7.828  1.254   1.00 80.53  ? 5   ILE A CA  1 
ATOM   30  C  C   . ILE A 1 5   ? -4.325  -9.337  1.379   1.00 84.66  ? 5   ILE A C   1 
ATOM   31  O  O   . ILE A 1 5   ? -3.483  -9.815  2.139   1.00 87.24  ? 5   ILE A O   1 
ATOM   32  C  CB  . ILE A 1 5   ? -3.108  -7.148  1.340   1.00 79.59  ? 5   ILE A CB  1 
ATOM   33  C  CG1 . ILE A 1 5   ? -3.263  -5.647  1.599   1.00 78.85  ? 5   ILE A CG1 1 
ATOM   34  C  CG2 . ILE A 1 5   ? -2.315  -7.396  0.059   1.00 67.14  ? 5   ILE A CG2 1 
ATOM   35  C  CD1 . ILE A 1 5   ? -2.000  -4.846  1.364   1.00 69.46  ? 5   ILE A CD1 1 
ATOM   36  N  N   . PRO A 1 6   ? -5.153  -10.085 0.639   1.00 85.68  ? 6   PRO A N   1 
ATOM   37  C  CA  . PRO A 1 6   ? -5.238  -11.552 0.609   1.00 90.13  ? 6   PRO A CA  1 
ATOM   38  C  C   . PRO A 1 6   ? -4.180  -12.245 -0.260  1.00 94.38  ? 6   PRO A C   1 
ATOM   39  O  O   . PRO A 1 6   ? -3.430  -13.076 0.255   1.00 96.20  ? 6   PRO A O   1 
ATOM   40  C  CB  . PRO A 1 6   ? -6.634  -11.810 0.021   1.00 90.56  ? 6   PRO A CB  1 
ATOM   41  C  CG  . PRO A 1 6   ? -7.363  -10.498 0.127   1.00 90.18  ? 6   PRO A CG  1 
ATOM   42  C  CD  . PRO A 1 6   ? -6.302  -9.463  -0.034  1.00 84.30  ? 6   PRO A CD  1 
ATOM   43  N  N   . GLU A 1 7   ? -4.131  -11.928 -1.551  1.00 85.86  ? 7   GLU A N   1 
ATOM   44  C  CA  . GLU A 1 7   ? -3.248  -12.653 -2.464  1.00 88.05  ? 7   GLU A CA  1 
ATOM   45  C  C   . GLU A 1 7   ? -2.096  -11.792 -2.989  1.00 89.15  ? 7   GLU A C   1 
ATOM   46  O  O   . GLU A 1 7   ? -2.039  -10.593 -2.723  1.00 87.80  ? 7   GLU A O   1 
ATOM   47  C  CB  . GLU A 1 7   ? -4.049  -13.244 -3.630  1.00 86.12  ? 7   GLU A CB  1 
ATOM   48  N  N   . THR A 1 8   ? -1.176  -12.419 -3.724  1.00 87.89  ? 8   THR A N   1 
ATOM   49  C  CA  . THR A 1 8   ? -0.059  -11.715 -4.361  1.00 80.27  ? 8   THR A CA  1 
ATOM   50  C  C   . THR A 1 8   ? 0.215   -12.284 -5.752  1.00 82.00  ? 8   THR A C   1 
ATOM   51  O  O   . THR A 1 8   ? -0.529  -13.135 -6.240  1.00 89.64  ? 8   THR A O   1 
ATOM   52  C  CB  . THR A 1 8   ? 1.230   -11.830 -3.549  1.00 75.68  ? 8   THR A CB  1 
ATOM   53  O  OG1 . THR A 1 8   ? 1.811   -13.121 -3.772  1.00 79.92  ? 8   THR A OG1 1 
ATOM   54  C  CG2 . THR A 1 8   ? 0.953   -11.633 -2.063  1.00 73.06  ? 8   THR A CG2 1 
ATOM   55  N  N   . GLU A 1 9   ? 1.292   -11.839 -6.390  1.00 78.87  ? 9   GLU A N   1 
ATOM   56  C  CA  . GLU A 1 9   ? 1.515   -12.211 -7.784  1.00 82.69  ? 9   GLU A CA  1 
ATOM   57  C  C   . GLU A 1 9   ? 2.995   -12.251 -8.204  1.00 83.65  ? 9   GLU A C   1 
ATOM   58  O  O   . GLU A 1 9   ? 3.860   -12.563 -7.386  1.00 79.20  ? 9   GLU A O   1 
ATOM   59  C  CB  . GLU A 1 9   ? 0.718   -11.277 -8.684  1.00 80.92  ? 9   GLU A CB  1 
ATOM   60  C  CG  . GLU A 1 9   ? -0.075  -11.986 -9.753  1.00 85.83  ? 9   GLU A CG  1 
ATOM   61  C  CD  . GLU A 1 9   ? -1.103  -11.078 -10.387 1.00 94.55  ? 9   GLU A CD  1 
ATOM   62  O  OE1 . GLU A 1 9   ? -0.859  -10.631 -11.531 1.00 97.39  ? 9   GLU A OE1 1 
ATOM   63  O  OE2 . GLU A 1 9   ? -2.137  -10.801 -9.731  1.00 84.87  ? 9   GLU A OE2 1 
ATOM   64  N  N   . SER A 1 10  ? 3.281   -11.948 -9.476  1.00 86.80  ? 10  SER A N   1 
ATOM   65  C  CA  . SER A 1 10  ? 4.646   -12.085 -10.001 1.00 81.23  ? 10  SER A CA  1 
ATOM   66  C  C   . SER A 1 10  ? 4.957   -11.442 -11.366 1.00 82.56  ? 10  SER A C   1 
ATOM   67  O  O   . SER A 1 10  ? 4.084   -10.869 -12.020 1.00 81.24  ? 10  SER A O   1 
ATOM   68  C  CB  . SER A 1 10  ? 5.037   -13.561 -10.039 1.00 71.24  ? 10  SER A CB  1 
ATOM   69  O  OG  . SER A 1 10  ? 5.403   -14.003 -8.744  1.00 82.13  ? 10  SER A OG  1 
ATOM   70  N  N   . ARG A 1 11  ? 6.230   -11.530 -11.754 1.00 80.89  ? 11  ARG A N   1 
ATOM   71  C  CA  . ARG A 1 11  ? 6.712   -11.146 -13.086 1.00 88.69  ? 11  ARG A CA  1 
ATOM   72  C  C   . ARG A 1 11  ? 6.317   -9.740  -13.540 1.00 90.04  ? 11  ARG A C   1 
ATOM   73  O  O   . ARG A 1 11  ? 6.672   -9.313  -14.646 1.00 88.56  ? 11  ARG A O   1 
ATOM   74  C  CB  . ARG A 1 11  ? 6.270   -12.179 -14.133 1.00 88.69  ? 11  ARG A CB  1 
ATOM   75  C  CG  . ARG A 1 11  ? 7.004   -12.078 -15.463 1.00 90.97  ? 11  ARG A CG  1 
ATOM   76  C  CD  . ARG A 1 11  ? 8.499   -12.309 -15.277 1.00 92.74  ? 11  ARG A CD  1 
ATOM   77  N  NE  . ARG A 1 11  ? 8.769   -13.547 -14.548 1.00 80.38  ? 11  ARG A NE  1 
ATOM   78  N  N   . ALA A 1 19  ? 10.690  -7.806  -13.452 1.00 78.95  ? 19  ALA A N   1 
ATOM   79  C  CA  . ALA A 1 19  ? 10.178  -8.944  -12.684 1.00 97.31  ? 19  ALA A CA  1 
ATOM   80  C  C   . ALA A 1 19  ? 10.063  -8.610  -11.192 1.00 91.07  ? 19  ALA A C   1 
ATOM   81  O  O   . ALA A 1 19  ? 11.062  -8.282  -10.543 1.00 79.27  ? 19  ALA A O   1 
ATOM   82  C  CB  . ALA A 1 19  ? 11.051  -10.181 -12.899 1.00 88.53  ? 19  ALA A CB  1 
ATOM   83  N  N   . TYR A 1 20  ? 8.844   -8.717  -10.658 1.00 89.50  ? 20  TYR A N   1 
ATOM   84  C  CA  . TYR A 1 20  ? 8.520   -8.152  -9.347  1.00 83.71  ? 20  TYR A CA  1 
ATOM   85  C  C   . TYR A 1 20  ? 7.275   -8.756  -8.697  1.00 75.70  ? 20  TYR A C   1 
ATOM   86  O  O   . TYR A 1 20  ? 6.524   -9.484  -9.338  1.00 79.04  ? 20  TYR A O   1 
ATOM   87  C  CB  . TYR A 1 20  ? 8.300   -6.649  -9.491  1.00 78.27  ? 20  TYR A CB  1 
ATOM   88  C  CG  . TYR A 1 20  ? 7.071   -6.310  -10.298 1.00 80.38  ? 20  TYR A CG  1 
ATOM   89  C  CD1 . TYR A 1 20  ? 5.842   -6.104  -9.678  1.00 82.19  ? 20  TYR A CD1 1 
ATOM   90  C  CD2 . TYR A 1 20  ? 7.135   -6.201  -11.682 1.00 85.01  ? 20  TYR A CD2 1 
ATOM   91  C  CE1 . TYR A 1 20  ? 4.710   -5.788  -10.415 1.00 84.65  ? 20  TYR A CE1 1 
ATOM   92  C  CE2 . TYR A 1 20  ? 6.010   -5.887  -12.430 1.00 88.98  ? 20  TYR A CE2 1 
ATOM   93  C  CZ  . TYR A 1 20  ? 4.799   -5.682  -11.794 1.00 89.47  ? 20  TYR A CZ  1 
ATOM   94  O  OH  . TYR A 1 20  ? 3.677   -5.371  -12.535 1.00 80.01  ? 20  TYR A OH  1 
ATOM   95  N  N   . VAL A 1 21  ? 7.057   -8.430  -7.424  1.00 66.61  ? 21  VAL A N   1 
ATOM   96  C  CA  . VAL A 1 21  ? 5.859   -8.865  -6.704  1.00 68.00  ? 21  VAL A CA  1 
ATOM   97  C  C   . VAL A 1 21  ? 4.775   -7.787  -6.681  1.00 68.12  ? 21  VAL A C   1 
ATOM   98  O  O   . VAL A 1 21  ? 5.070   -6.610  -6.502  1.00 73.92  ? 21  VAL A O   1 
ATOM   99  C  CB  . VAL A 1 21  ? 6.174   -9.241  -5.245  1.00 67.11  ? 21  VAL A CB  1 
ATOM   100 C  CG1 . VAL A 1 21  ? 4.890   -9.523  -4.481  1.00 62.91  ? 21  VAL A CG1 1 
ATOM   101 C  CG2 . VAL A 1 21  ? 7.103   -10.437 -5.187  1.00 67.23  ? 21  VAL A CG2 1 
ATOM   102 N  N   . ALA A 1 22  ? 3.523   -8.194  -6.861  1.00 71.14  ? 22  ALA A N   1 
ATOM   103 C  CA  . ALA A 1 22  ? 2.401   -7.262  -6.788  1.00 65.66  ? 22  ALA A CA  1 
ATOM   104 C  C   . ALA A 1 22  ? 1.464   -7.626  -5.644  1.00 68.18  ? 22  ALA A C   1 
ATOM   105 O  O   . ALA A 1 22  ? 1.485   -8.751  -5.142  1.00 70.45  ? 22  ALA A O   1 
ATOM   106 C  CB  . ALA A 1 22  ? 1.647   -7.214  -8.098  1.00 61.97  ? 22  ALA A CB  1 
ATOM   107 N  N   . TYR A 1 23  ? 0.648   -6.663  -5.230  1.00 69.97  ? 23  TYR A N   1 
ATOM   108 C  CA  . TYR A 1 23  ? -0.207  -6.832  -4.065  1.00 64.03  ? 23  TYR A CA  1 
ATOM   109 C  C   . TYR A 1 23  ? -1.637  -6.481  -4.436  1.00 70.03  ? 23  TYR A C   1 
ATOM   110 O  O   . TYR A 1 23  ? -1.900  -5.401  -4.963  1.00 73.38  ? 23  TYR A O   1 
ATOM   111 C  CB  . TYR A 1 23  ? 0.310   -5.983  -2.898  1.00 57.16  ? 23  TYR A CB  1 
ATOM   112 C  CG  . TYR A 1 23  ? 1.717   -6.369  -2.481  1.00 59.09  ? 23  TYR A CG  1 
ATOM   113 C  CD1 . TYR A 1 23  ? 1.939   -7.189  -1.386  1.00 61.16  ? 23  TYR A CD1 1 
ATOM   114 C  CD2 . TYR A 1 23  ? 2.822   -5.939  -3.206  1.00 58.26  ? 23  TYR A CD2 1 
ATOM   115 C  CE1 . TYR A 1 23  ? 3.225   -7.561  -1.014  1.00 63.40  ? 23  TYR A CE1 1 
ATOM   116 C  CE2 . TYR A 1 23  ? 4.103   -6.309  -2.847  1.00 59.03  ? 23  TYR A CE2 1 
ATOM   117 C  CZ  . TYR A 1 23  ? 4.304   -7.119  -1.748  1.00 60.52  ? 23  TYR A CZ  1 
ATOM   118 O  OH  . TYR A 1 23  ? 5.587   -7.483  -1.383  1.00 61.46  ? 23  TYR A OH  1 
ATOM   119 N  N   . ASN A 1 24  ? -2.550  -7.416  -4.189  1.00 76.15  ? 24  ASN A N   1 
ATOM   120 C  CA  . ASN A 1 24  ? -3.941  -7.268  -4.600  1.00 74.40  ? 24  ASN A CA  1 
ATOM   121 C  C   . ASN A 1 24  ? -4.779  -6.673  -3.497  1.00 73.10  ? 24  ASN A C   1 
ATOM   122 O  O   . ASN A 1 24  ? -5.186  -7.362  -2.564  1.00 77.11  ? 24  ASN A O   1 
ATOM   123 C  CB  . ASN A 1 24  ? -4.526  -8.618  -4.992  1.00 77.78  ? 24  ASN A CB  1 
ATOM   124 C  CG  . ASN A 1 24  ? -3.694  -9.328  -6.020  1.00 80.50  ? 24  ASN A CG  1 
ATOM   125 O  OD1 . ASN A 1 24  ? -3.489  -8.821  -7.122  1.00 79.01  ? 24  ASN A OD1 1 
ATOM   126 N  ND2 . ASN A 1 24  ? -3.205  -10.515 -5.670  1.00 82.73  ? 24  ASN A ND2 1 
ATOM   127 N  N   . ILE A 1 25  ? -5.046  -5.385  -3.600  1.00 72.83  ? 25  ILE A N   1 
ATOM   128 C  CA  . ILE A 1 25  ? -5.853  -4.749  -2.584  1.00 80.82  ? 25  ILE A CA  1 
ATOM   129 C  C   . ILE A 1 25  ? -7.313  -5.099  -2.795  1.00 81.23  ? 25  ILE A C   1 
ATOM   130 O  O   . ILE A 1 25  ? -7.870  -4.897  -3.877  1.00 82.56  ? 25  ILE A O   1 
ATOM   131 C  CB  . ILE A 1 25  ? -5.654  -3.233  -2.566  1.00 82.07  ? 25  ILE A CB  1 
ATOM   132 C  CG1 . ILE A 1 25  ? -4.224  -2.915  -2.119  1.00 76.40  ? 25  ILE A CG1 1 
ATOM   133 C  CG2 . ILE A 1 25  ? -6.664  -2.589  -1.631  1.00 72.77  ? 25  ILE A CG2 1 
ATOM   134 C  CD1 . ILE A 1 25  ? -3.576  -1.793  -2.883  1.00 75.75  ? 25  ILE A CD1 1 
ATOM   135 N  N   . HIS A 1 26  ? -7.916  -5.655  -1.754  1.00 82.36  ? 26  HIS A N   1 
ATOM   136 C  CA  . HIS A 1 26  ? -9.329  -5.969  -1.774  1.00 83.12  ? 26  HIS A CA  1 
ATOM   137 C  C   . HIS A 1 26  ? -10.086 -4.987  -0.891  1.00 79.64  ? 26  HIS A C   1 
ATOM   138 O  O   . HIS A 1 26  ? -9.809  -4.853  0.306   1.00 73.72  ? 26  HIS A O   1 
ATOM   139 C  CB  . HIS A 1 26  ? -9.578  -7.413  -1.319  1.00 82.07  ? 26  HIS A CB  1 
ATOM   140 C  CG  . HIS A 1 26  ? -9.322  -8.435  -2.383  1.00 81.30  ? 26  HIS A CG  1 
ATOM   141 N  ND1 . HIS A 1 26  ? -8.126  -9.108  -2.499  1.00 87.85  ? 26  HIS A ND1 1 
ATOM   142 C  CD2 . HIS A 1 26  ? -10.115 -8.904  -3.376  1.00 81.96  ? 26  HIS A CD2 1 
ATOM   143 C  CE1 . HIS A 1 26  ? -8.189  -9.942  -3.523  1.00 88.59  ? 26  HIS A CE1 1 
ATOM   144 N  NE2 . HIS A 1 26  ? -9.384  -9.834  -4.074  1.00 84.12  ? 26  HIS A NE2 1 
ATOM   145 N  N   . VAL A 1 27  ? -11.033 -4.288  -1.500  1.00 80.87  ? 27  VAL A N   1 
ATOM   146 C  CA  . VAL A 1 27  ? -11.954 -3.462  -0.751  1.00 81.55  ? 27  VAL A CA  1 
ATOM   147 C  C   . VAL A 1 27  ? -13.226 -4.264  -0.494  1.00 81.61  ? 27  VAL A C   1 
ATOM   148 O  O   . VAL A 1 27  ? -13.884 -4.726  -1.429  1.00 77.41  ? 27  VAL A O   1 
ATOM   149 C  CB  . VAL A 1 27  ? -12.278 -2.173  -1.500  1.00 81.48  ? 27  VAL A CB  1 
ATOM   150 C  CG1 . VAL A 1 27  ? -12.930 -2.485  -2.839  1.00 84.86  ? 27  VAL A CG1 1 
ATOM   151 C  CG2 . VAL A 1 27  ? -13.171 -1.286  -0.647  1.00 87.12  ? 27  VAL A CG2 1 
ATOM   152 N  N   . ASN A 1 28  ? -13.554 -4.445  0.781   1.00 85.61  ? 28  ASN A N   1 
ATOM   153 C  CA  . ASN A 1 28  ? -14.712 -5.241  1.162   1.00 86.51  ? 28  ASN A CA  1 
ATOM   154 C  C   . ASN A 1 28  ? -14.745 -6.567  0.399   1.00 93.06  ? 28  ASN A C   1 
ATOM   155 O  O   . ASN A 1 28  ? -15.715 -6.878  -0.297  1.00 89.14  ? 28  ASN A O   1 
ATOM   156 C  CB  . ASN A 1 28  ? -16.002 -4.451  0.942   1.00 80.97  ? 28  ASN A CB  1 
ATOM   157 C  CG  . ASN A 1 28  ? -16.001 -3.115  1.673   1.00 93.77  ? 28  ASN A CG  1 
ATOM   158 O  OD1 . ASN A 1 28  ? -15.657 -3.034  2.858   1.00 91.77  ? 28  ASN A OD1 1 
ATOM   159 N  ND2 . ASN A 1 28  ? -16.388 -2.056  0.965   1.00 86.80  ? 28  ASN A ND2 1 
ATOM   160 N  N   . GLY A 1 29  ? -13.653 -7.320  0.515   1.00 90.19  ? 29  GLY A N   1 
ATOM   161 C  CA  . GLY A 1 29  ? -13.578 -8.694  0.020   1.00 86.78  ? 29  GLY A CA  1 
ATOM   162 C  C   . GLY A 1 29  ? -13.625 -8.865  -1.505  1.00 84.73  ? 29  GLY A C   1 
ATOM   163 O  O   . GLY A 1 29  ? -13.570 -9.992  -2.003  1.00 84.20  ? 29  GLY A O   1 
ATOM   164 N  N   . VAL A 1 30  ? -13.729 -7.769  -2.249  1.00 78.80  ? 30  VAL A N   1 
ATOM   165 C  CA  . VAL A 1 30  ? -13.585 -7.864  -3.699  1.00 86.11  ? 30  VAL A CA  1 
ATOM   166 C  C   . VAL A 1 30  ? -12.297 -7.195  -4.158  1.00 84.46  ? 30  VAL A C   1 
ATOM   167 O  O   . VAL A 1 30  ? -11.823 -6.252  -3.529  1.00 83.30  ? 30  VAL A O   1 
ATOM   168 C  CB  . VAL A 1 30  ? -14.752 -7.218  -4.455  1.00 91.46  ? 30  VAL A CB  1 
ATOM   169 C  CG1 . VAL A 1 30  ? -14.595 -5.699  -4.475  1.00 90.03  ? 30  VAL A CG1 1 
ATOM   170 C  CG2 . VAL A 1 30  ? -14.820 -7.772  -5.875  1.00 80.64  ? 30  VAL A CG2 1 
ATOM   171 N  N   . LEU A 1 31  ? -11.732 -7.686  -5.257  1.00 86.50  ? 31  LEU A N   1 
ATOM   172 C  CA  . LEU A 1 31  ? -10.517 -7.095  -5.804  1.00 86.10  ? 31  LEU A CA  1 
ATOM   173 C  C   . LEU A 1 31  ? -10.738 -5.609  -6.043  1.00 83.11  ? 31  LEU A C   1 
ATOM   174 O  O   . LEU A 1 31  ? -11.846 -5.186  -6.371  1.00 85.65  ? 31  LEU A O   1 
ATOM   175 C  CB  . LEU A 1 31  ? -10.109 -7.796  -7.098  1.00 87.69  ? 31  LEU A CB  1 
ATOM   176 C  CG  . LEU A 1 31  ? -8.689  -7.508  -7.601  1.00 90.10  ? 31  LEU A CG  1 
ATOM   177 C  CD1 . LEU A 1 31  ? -8.645  -6.248  -8.471  1.00 81.93  ? 31  LEU A CD1 1 
ATOM   178 C  CD2 . LEU A 1 31  ? -7.711  -7.404  -6.425  1.00 80.09  ? 31  LEU A CD2 1 
ATOM   179 N  N   . HIS A 1 32  ? -9.687  -4.813  -5.870  1.00 80.25  ? 32  HIS A N   1 
ATOM   180 C  CA  . HIS A 1 32  ? -9.817  -3.367  -6.012  1.00 80.07  ? 32  HIS A CA  1 
ATOM   181 C  C   . HIS A 1 32  ? -8.758  -2.755  -6.921  1.00 75.94  ? 32  HIS A C   1 
ATOM   182 O  O   . HIS A 1 32  ? -9.071  -1.946  -7.795  1.00 77.69  ? 32  HIS A O   1 
ATOM   183 C  CB  . HIS A 1 32  ? -9.787  -2.683  -4.645  1.00 81.91  ? 32  HIS A CB  1 
ATOM   184 C  CG  . HIS A 1 32  ? -9.878  -1.193  -4.722  1.00 80.82  ? 32  HIS A CG  1 
ATOM   185 N  ND1 . HIS A 1 32  ? -8.769  -0.387  -4.863  1.00 78.82  ? 32  HIS A ND1 1 
ATOM   186 C  CD2 . HIS A 1 32  ? -10.947 -0.362  -4.698  1.00 83.15  ? 32  HIS A CD2 1 
ATOM   187 C  CE1 . HIS A 1 32  ? -9.150  0.879   -4.913  1.00 80.17  ? 32  HIS A CE1 1 
ATOM   188 N  NE2 . HIS A 1 32  ? -10.467 0.921   -4.814  1.00 82.92  ? 32  HIS A NE2 1 
ATOM   189 N  N   . CYS A 1 33  ? -7.506  -3.133  -6.708  1.00 72.73  ? 33  CYS A N   1 
ATOM   190 C  CA  . CYS A 1 33  ? -6.412  -2.598  -7.507  1.00 67.35  ? 33  CYS A CA  1 
ATOM   191 C  C   . CYS A 1 33  ? -5.160  -3.381  -7.204  1.00 69.23  ? 33  CYS A C   1 
ATOM   192 O  O   . CYS A 1 33  ? -5.051  -4.016  -6.157  1.00 70.91  ? 33  CYS A O   1 
ATOM   193 C  CB  . CYS A 1 33  ? -6.170  -1.132  -7.176  1.00 74.45  ? 33  CYS A CB  1 
ATOM   194 S  SG  . CYS A 1 33  ? -5.587  -0.872  -5.477  1.00 71.84  ? 33  CYS A SG  1 
ATOM   195 N  N   . ARG A 1 34  ? -4.214  -3.333  -8.129  1.00 70.61  ? 34  ARG A N   1 
ATOM   196 C  CA  . ARG A 1 34  ? -2.993  -4.104  -7.994  1.00 69.23  ? 34  ARG A CA  1 
ATOM   197 C  C   . ARG A 1 34  ? -1.819  -3.134  -7.986  1.00 70.74  ? 34  ARG A C   1 
ATOM   198 O  O   . ARG A 1 34  ? -1.734  -2.236  -8.832  1.00 69.06  ? 34  ARG A O   1 
ATOM   199 C  CB  . ARG A 1 34  ? -2.883  -5.104  -9.145  1.00 73.87  ? 34  ARG A CB  1 
ATOM   200 C  CG  . ARG A 1 34  ? -2.182  -6.411  -8.780  1.00 88.24  ? 34  ARG A CG  1 
ATOM   201 C  CD  . ARG A 1 34  ? -2.136  -7.392  -9.965  1.00 91.47  ? 34  ARG A CD  1 
ATOM   202 N  NE  . ARG A 1 34  ? -3.413  -8.073  -10.184 1.00 99.43  ? 34  ARG A NE  1 
ATOM   203 C  CZ  . ARG A 1 34  ? -4.345  -7.674  -11.048 1.00 101.26 ? 34  ARG A CZ  1 
ATOM   204 N  NH1 . ARG A 1 34  ? -4.155  -6.589  -11.793 1.00 95.13  ? 34  ARG A NH1 1 
ATOM   205 N  NH2 . ARG A 1 34  ? -5.473  -8.364  -11.168 1.00 95.53  ? 34  ARG A NH2 1 
ATOM   206 N  N   . VAL A 1 35  ? -0.930  -3.290  -7.008  1.00 66.66  ? 35  VAL A N   1 
ATOM   207 C  CA  . VAL A 1 35  ? 0.173   -2.352  -6.829  1.00 61.38  ? 35  VAL A CA  1 
ATOM   208 C  C   . VAL A 1 35  ? 1.444   -3.026  -6.316  1.00 62.30  ? 35  VAL A C   1 
ATOM   209 O  O   . VAL A 1 35  ? 1.399   -4.054  -5.636  1.00 58.10  ? 35  VAL A O   1 
ATOM   210 C  CB  . VAL A 1 35  ? -0.195  -1.243  -5.830  1.00 66.65  ? 35  VAL A CB  1 
ATOM   211 C  CG1 . VAL A 1 35  ? -1.545  -0.621  -6.165  1.00 64.29  ? 35  VAL A CG1 1 
ATOM   212 C  CG2 . VAL A 1 35  ? -0.216  -1.803  -4.420  1.00 67.37  ? 35  VAL A CG2 1 
ATOM   213 N  N   . ARG A 1 36  ? 2.582   -2.418  -6.630  1.00 63.13  ? 36  ARG A N   1 
ATOM   214 C  CA  . ARG A 1 36  ? 3.879   -2.918  -6.181  1.00 62.11  ? 36  ARG A CA  1 
ATOM   215 C  C   . ARG A 1 36  ? 4.443   -2.089  -5.005  1.00 59.14  ? 36  ARG A C   1 
ATOM   216 O  O   . ARG A 1 36  ? 4.000   -0.966  -4.751  1.00 57.95  ? 36  ARG A O   1 
ATOM   217 C  CB  . ARG A 1 36  ? 4.844   -2.927  -7.364  1.00 60.92  ? 36  ARG A CB  1 
ATOM   218 C  CG  . ARG A 1 36  ? 4.715   -1.687  -8.238  1.00 66.63  ? 36  ARG A CG  1 
ATOM   219 C  CD  . ARG A 1 36  ? 5.552   -1.817  -9.494  1.00 73.69  ? 36  ARG A CD  1 
ATOM   220 N  NE  . ARG A 1 36  ? 6.878   -2.329  -9.175  1.00 80.34  ? 36  ARG A NE  1 
ATOM   221 C  CZ  . ARG A 1 36  ? 7.744   -2.773  -10.079 1.00 83.07  ? 36  ARG A CZ  1 
ATOM   222 N  NH1 . ARG A 1 36  ? 7.419   -2.768  -11.367 1.00 81.18  ? 36  ARG A NH1 1 
ATOM   223 N  NH2 . ARG A 1 36  ? 8.929   -3.228  -9.686  1.00 76.43  ? 36  ARG A NH2 1 
ATOM   224 N  N   . TYR A 1 37  ? 5.413   -2.643  -4.287  1.00 54.60  ? 37  TYR A N   1 
ATOM   225 C  CA  . TYR A 1 37  ? 5.975   -1.946  -3.130  1.00 52.86  ? 37  TYR A CA  1 
ATOM   226 C  C   . TYR A 1 37  ? 6.443   -0.521  -3.457  1.00 52.22  ? 37  TYR A C   1 
ATOM   227 O  O   . TYR A 1 37  ? 6.124   0.419   -2.738  1.00 53.99  ? 37  TYR A O   1 
ATOM   228 C  CB  . TYR A 1 37  ? 7.103   -2.771  -2.507  1.00 52.12  ? 37  TYR A CB  1 
ATOM   229 C  CG  . TYR A 1 37  ? 7.840   -2.095  -1.376  1.00 54.71  ? 37  TYR A CG  1 
ATOM   230 C  CD1 . TYR A 1 37  ? 7.346   -2.131  -0.072  1.00 54.59  ? 37  TYR A CD1 1 
ATOM   231 C  CD2 . TYR A 1 37  ? 9.040   -1.433  -1.606  1.00 50.02  ? 37  TYR A CD2 1 
ATOM   232 C  CE1 . TYR A 1 37  ? 8.024   -1.512  0.969   1.00 50.82  ? 37  TYR A CE1 1 
ATOM   233 C  CE2 . TYR A 1 37  ? 9.724   -0.820  -0.574  1.00 52.42  ? 37  TYR A CE2 1 
ATOM   234 C  CZ  . TYR A 1 37  ? 9.213   -0.860  0.709   1.00 54.29  ? 37  TYR A CZ  1 
ATOM   235 O  OH  . TYR A 1 37  ? 9.904   -0.240  1.727   1.00 60.64  ? 37  TYR A OH  1 
ATOM   236 N  N   . SER A 1 38  ? 7.173   -0.352  -4.552  1.00 50.92  ? 38  SER A N   1 
ATOM   237 C  CA  . SER A 1 38  ? 7.673   0.970   -4.915  1.00 51.26  ? 38  SER A CA  1 
ATOM   238 C  C   . SER A 1 38  ? 6.563   2.009   -5.041  1.00 54.12  ? 38  SER A C   1 
ATOM   239 O  O   . SER A 1 38  ? 6.776   3.196   -4.812  1.00 56.16  ? 38  SER A O   1 
ATOM   240 C  CB  . SER A 1 38  ? 8.465   0.909   -6.216  1.00 55.18  ? 38  SER A CB  1 
ATOM   241 O  OG  . SER A 1 38  ? 7.669   0.407   -7.269  1.00 61.39  ? 38  SER A OG  1 
ATOM   242 N  N   . GLN A 1 39  ? 5.374   1.568   -5.418  1.00 57.48  ? 39  GLN A N   1 
ATOM   243 C  CA  . GLN A 1 39  ? 4.292   2.507   -5.635  1.00 53.52  ? 39  GLN A CA  1 
ATOM   244 C  C   . GLN A 1 39  ? 3.776   2.991   -4.315  1.00 51.18  ? 39  GLN A C   1 
ATOM   245 O  O   . GLN A 1 39  ? 3.420   4.152   -4.168  1.00 57.49  ? 39  GLN A O   1 
ATOM   246 C  CB  . GLN A 1 39  ? 3.160   1.854   -6.409  1.00 58.95  ? 39  GLN A CB  1 
ATOM   247 C  CG  . GLN A 1 39  ? 3.336   1.907   -7.901  1.00 65.05  ? 39  GLN A CG  1 
ATOM   248 C  CD  . GLN A 1 39  ? 2.162   1.309   -8.607  1.00 68.37  ? 39  GLN A CD  1 
ATOM   249 O  OE1 . GLN A 1 39  ? 1.846   0.135   -8.407  1.00 70.43  ? 39  GLN A OE1 1 
ATOM   250 N  NE2 . GLN A 1 39  ? 1.487   2.112   -9.428  1.00 65.23  ? 39  GLN A NE2 1 
ATOM   251 N  N   . LEU A 1 40  ? 3.719   2.085   -3.353  1.00 46.75  ? 40  LEU A N   1 
ATOM   252 C  CA  . LEU A 1 40  ? 3.249   2.445   -2.034  1.00 53.06  ? 40  LEU A CA  1 
ATOM   253 C  C   . LEU A 1 40  ? 4.292   3.310   -1.326  1.00 58.87  ? 40  LEU A C   1 
ATOM   254 O  O   . LEU A 1 40  ? 3.957   4.280   -0.632  1.00 53.81  ? 40  LEU A O   1 
ATOM   255 C  CB  . LEU A 1 40  ? 2.900   1.190   -1.239  1.00 52.46  ? 40  LEU A CB  1 
ATOM   256 C  CG  . LEU A 1 40  ? 1.610   0.552   -1.763  1.00 51.90  ? 40  LEU A CG  1 
ATOM   257 C  CD1 . LEU A 1 40  ? 1.223   -0.649  -0.936  1.00 56.58  ? 40  LEU A CD1 1 
ATOM   258 C  CD2 . LEU A 1 40  ? 0.469   1.559   -1.788  1.00 50.53  ? 40  LEU A CD2 1 
ATOM   259 N  N   . LEU A 1 41  ? 5.560   2.962   -1.536  1.00 57.47  ? 41  LEU A N   1 
ATOM   260 C  CA  . LEU A 1 41  ? 6.678   3.750   -1.044  1.00 51.64  ? 41  LEU A CA  1 
ATOM   261 C  C   . LEU A 1 41  ? 6.599   5.162   -1.616  1.00 48.83  ? 41  LEU A C   1 
ATOM   262 O  O   . LEU A 1 41  ? 6.725   6.149   -0.890  1.00 54.37  ? 41  LEU A O   1 
ATOM   263 C  CB  . LEU A 1 41  ? 7.998   3.077   -1.429  1.00 52.47  ? 41  LEU A CB  1 
ATOM   264 C  CG  . LEU A 1 41  ? 9.317   3.744   -1.032  1.00 51.58  ? 41  LEU A CG  1 
ATOM   265 C  CD1 . LEU A 1 41  ? 9.331   4.146   0.436   1.00 43.77  ? 41  LEU A CD1 1 
ATOM   266 C  CD2 . LEU A 1 41  ? 10.474  2.827   -1.345  1.00 46.34  ? 41  LEU A CD2 1 
ATOM   267 N  N   . GLY A 1 42  ? 6.378   5.262   -2.916  1.00 41.08  ? 42  GLY A N   1 
ATOM   268 C  CA  . GLY A 1 42  ? 6.178   6.561   -3.527  1.00 51.78  ? 42  GLY A CA  1 
ATOM   269 C  C   . GLY A 1 42  ? 5.070   7.310   -2.814  1.00 58.67  ? 42  GLY A C   1 
ATOM   270 O  O   . GLY A 1 42  ? 5.225   8.473   -2.429  1.00 59.17  ? 42  GLY A O   1 
ATOM   271 N  N   . LEU A 1 43  ? 3.949   6.624   -2.621  1.00 53.90  ? 43  LEU A N   1 
ATOM   272 C  CA  . LEU A 1 43  ? 2.796   7.199   -1.948  1.00 51.14  ? 43  LEU A CA  1 
ATOM   273 C  C   . LEU A 1 43  ? 3.148   7.672   -0.545  1.00 56.40  ? 43  LEU A C   1 
ATOM   274 O  O   . LEU A 1 43  ? 2.802   8.784   -0.133  1.00 57.80  ? 43  LEU A O   1 
ATOM   275 C  CB  . LEU A 1 43  ? 1.679   6.164   -1.864  1.00 50.83  ? 43  LEU A CB  1 
ATOM   276 C  CG  . LEU A 1 43  ? 0.473   6.504   -0.986  1.00 52.84  ? 43  LEU A CG  1 
ATOM   277 C  CD1 . LEU A 1 43  ? -0.330  7.670   -1.542  1.00 53.58  ? 43  LEU A CD1 1 
ATOM   278 C  CD2 . LEU A 1 43  ? -0.392  5.274   -0.827  1.00 47.01  ? 43  LEU A CD2 1 
ATOM   279 N  N   . HIS A 1 44  ? 3.822   6.811   0.199   1.00 51.70  ? 44  HIS A N   1 
ATOM   280 C  CA  . HIS A 1 44  ? 4.140   7.125   1.577   1.00 55.90  ? 44  HIS A CA  1 
ATOM   281 C  C   . HIS A 1 44  ? 4.975   8.404   1.638   1.00 63.86  ? 44  HIS A C   1 
ATOM   282 O  O   . HIS A 1 44  ? 4.820   9.226   2.548   1.00 60.57  ? 44  HIS A O   1 
ATOM   283 C  CB  . HIS A 1 44  ? 4.889   5.962   2.212   1.00 54.35  ? 44  HIS A CB  1 
ATOM   284 C  CG  . HIS A 1 44  ? 5.439   6.270   3.565   1.00 62.44  ? 44  HIS A CG  1 
ATOM   285 N  ND1 . HIS A 1 44  ? 4.658   6.281   4.700   1.00 63.82  ? 44  HIS A ND1 1 
ATOM   286 C  CD2 . HIS A 1 44  ? 6.693   6.581   3.968   1.00 61.95  ? 44  HIS A CD2 1 
ATOM   287 C  CE1 . HIS A 1 44  ? 5.408   6.578   5.746   1.00 62.78  ? 44  HIS A CE1 1 
ATOM   288 N  NE2 . HIS A 1 44  ? 6.647   6.768   5.329   1.00 62.91  ? 44  HIS A NE2 1 
ATOM   289 N  N   . GLU A 1 45  ? 5.853   8.576   0.654   1.00 60.87  ? 45  GLU A N   1 
ATOM   290 C  CA  . GLU A 1 45  ? 6.721   9.744   0.625   1.00 62.09  ? 45  GLU A CA  1 
ATOM   291 C  C   . GLU A 1 45  ? 5.984   11.015  0.209   1.00 61.01  ? 45  GLU A C   1 
ATOM   292 O  O   . GLU A 1 45  ? 6.190   12.065  0.812   1.00 70.77  ? 45  GLU A O   1 
ATOM   293 C  CB  . GLU A 1 45  ? 7.959   9.478   -0.226  1.00 56.76  ? 45  GLU A CB  1 
ATOM   294 C  CG  . GLU A 1 45  ? 8.838   8.423   0.410   1.00 59.23  ? 45  GLU A CG  1 
ATOM   295 C  CD  . GLU A 1 45  ? 9.948   7.928   -0.495  1.00 70.11  ? 45  GLU A CD  1 
ATOM   296 O  OE1 . GLU A 1 45  ? 9.797   8.003   -1.737  1.00 64.62  ? 45  GLU A OE1 1 
ATOM   297 O  OE2 . GLU A 1 45  ? 10.975  7.450   0.047   1.00 71.94  ? 45  GLU A OE2 1 
ATOM   298 N  N   . GLN A 1 46  ? 5.113   10.926  -0.792  1.00 56.98  ? 46  GLN A N   1 
ATOM   299 C  CA  . GLN A 1 46  ? 4.192   12.031  -1.069  1.00 63.98  ? 46  GLN A CA  1 
ATOM   300 C  C   . GLN A 1 46  ? 3.433   12.452  0.192   1.00 66.73  ? 46  GLN A C   1 
ATOM   301 O  O   . GLN A 1 46  ? 3.096   13.623  0.363   1.00 64.95  ? 46  GLN A O   1 
ATOM   302 C  CB  . GLN A 1 46  ? 3.190   11.659  -2.157  1.00 59.98  ? 46  GLN A CB  1 
ATOM   303 C  CG  . GLN A 1 46  ? 3.426   12.344  -3.498  1.00 71.78  ? 46  GLN A CG  1 
ATOM   304 C  CD  . GLN A 1 46  ? 2.639   11.693  -4.634  1.00 71.66  ? 46  GLN A CD  1 
ATOM   305 O  OE1 . GLN A 1 46  ? 2.178   10.556  -4.513  1.00 74.43  ? 46  GLN A OE1 1 
ATOM   306 N  NE2 . GLN A 1 46  ? 2.495   12.407  -5.743  1.00 70.02  ? 46  GLN A NE2 1 
ATOM   307 N  N   . LEU A 1 47  ? 3.169   11.493  1.074   1.00 59.06  ? 47  LEU A N   1 
ATOM   308 C  CA  . LEU A 1 47  ? 2.438   11.783  2.293   1.00 60.96  ? 47  LEU A CA  1 
ATOM   309 C  C   . LEU A 1 47  ? 3.340   12.388  3.364   1.00 71.50  ? 47  LEU A C   1 
ATOM   310 O  O   . LEU A 1 47  ? 2.927   13.295  4.091   1.00 70.55  ? 47  LEU A O   1 
ATOM   311 C  CB  . LEU A 1 47  ? 1.741   10.527  2.828   1.00 64.04  ? 47  LEU A CB  1 
ATOM   312 C  CG  . LEU A 1 47  ? 0.586   9.942   2.005   1.00 67.48  ? 47  LEU A CG  1 
ATOM   313 C  CD1 . LEU A 1 47  ? -0.046  8.765   2.730   1.00 60.02  ? 47  LEU A CD1 1 
ATOM   314 C  CD2 . LEU A 1 47  ? -0.464  10.996  1.705   1.00 60.19  ? 47  LEU A CD2 1 
ATOM   315 N  N   . ARG A 1 48  ? 4.570   11.890  3.473   1.00 73.85  ? 48  ARG A N   1 
ATOM   316 C  CA  . ARG A 1 48  ? 5.475   12.404  4.496   1.00 69.75  ? 48  ARG A CA  1 
ATOM   317 C  C   . ARG A 1 48  ? 5.837   13.832  4.165   1.00 66.71  ? 48  ARG A C   1 
ATOM   318 O  O   . ARG A 1 48  ? 5.886   14.690  5.037   1.00 68.85  ? 48  ARG A O   1 
ATOM   319 C  CB  . ARG A 1 48  ? 6.716   11.529  4.648   1.00 69.99  ? 48  ARG A CB  1 
ATOM   320 C  CG  . ARG A 1 48  ? 7.717   12.059  5.654   1.00 69.75  ? 48  ARG A CG  1 
ATOM   321 C  CD  . ARG A 1 48  ? 8.927   12.663  4.950   1.00 81.66  ? 48  ARG A CD  1 
ATOM   322 N  NE  . ARG A 1 48  ? 9.725   11.632  4.283   1.00 87.09  ? 48  ARG A NE  1 
ATOM   323 C  CZ  . ARG A 1 48  ? 9.876   11.517  2.963   1.00 86.79  ? 48  ARG A CZ  1 
ATOM   324 N  NH1 . ARG A 1 48  ? 9.296   12.382  2.127   1.00 75.48  ? 48  ARG A NH1 1 
ATOM   325 N  NH2 . ARG A 1 48  ? 10.625  10.532  2.476   1.00 79.24  ? 48  ARG A NH2 1 
ATOM   326 N  N   . LYS A 1 49  ? 6.088   14.087  2.891   1.00 67.34  ? 49  LYS A N   1 
ATOM   327 C  CA  . LYS A 1 49  ? 6.106   15.455  2.420   1.00 70.10  ? 49  LYS A CA  1 
ATOM   328 C  C   . LYS A 1 49  ? 4.646   15.855  2.553   1.00 74.05  ? 49  LYS A C   1 
ATOM   329 O  O   . LYS A 1 49  ? 3.767   14.994  2.475   1.00 76.96  ? 49  LYS A O   1 
ATOM   330 C  CB  . LYS A 1 49  ? 6.585   15.505  0.967   1.00 68.31  ? 49  LYS A CB  1 
ATOM   331 C  CG  . LYS A 1 49  ? 6.983   16.889  0.477   1.00 79.55  ? 49  LYS A CG  1 
ATOM   332 C  CD  . LYS A 1 49  ? 5.886   17.515  -0.375  1.00 91.61  ? 49  LYS A CD  1 
ATOM   333 C  CE  . LYS A 1 49  ? 5.884   16.951  -1.797  1.00 89.40  ? 49  LYS A CE  1 
ATOM   334 N  NZ  . LYS A 1 49  ? 6.969   17.537  -2.640  1.00 84.55  ? 49  LYS A NZ  1 
ATOM   335 N  N   . GLU A 1 50  ? 4.370   17.128  2.801   1.00 66.49  ? 50  GLU A N   1 
ATOM   336 C  CA  . GLU A 1 50  ? 2.976   17.563  2.910   1.00 71.62  ? 50  GLU A CA  1 
ATOM   337 C  C   . GLU A 1 50  ? 2.300   17.302  4.276   1.00 68.63  ? 50  GLU A C   1 
ATOM   338 O  O   . GLU A 1 50  ? 1.415   18.053  4.672   1.00 67.01  ? 50  GLU A O   1 
ATOM   339 C  CB  . GLU A 1 50  ? 2.142   16.967  1.767   1.00 64.37  ? 50  GLU A CB  1 
ATOM   340 C  CG  . GLU A 1 50  ? 0.650   16.929  2.035   1.00 73.62  ? 50  GLU A CG  1 
ATOM   341 C  CD  . GLU A 1 50  ? -0.173  16.549  0.805   1.00 89.10  ? 50  GLU A CD  1 
ATOM   342 O  OE1 . GLU A 1 50  ? 0.298   15.724  -0.021  1.00 82.60  ? 50  GLU A OE1 1 
ATOM   343 O  OE2 . GLU A 1 50  ? -1.300  17.081  0.671   1.00 93.97  ? 50  GLU A OE2 1 
ATOM   344 N  N   . TYR A 1 51  ? 2.700   16.258  4.997   1.00 66.04  ? 51  TYR A N   1 
ATOM   345 C  CA  . TYR A 1 51  ? 2.142   16.032  6.338   1.00 62.29  ? 51  TYR A CA  1 
ATOM   346 C  C   . TYR A 1 51  ? 3.180   15.845  7.458   1.00 69.71  ? 51  TYR A C   1 
ATOM   347 O  O   . TYR A 1 51  ? 2.876   16.058  8.629   1.00 75.66  ? 51  TYR A O   1 
ATOM   348 C  CB  . TYR A 1 51  ? 1.163   14.855  6.343   1.00 66.81  ? 51  TYR A CB  1 
ATOM   349 C  CG  . TYR A 1 51  ? -0.086  15.084  5.527   1.00 67.34  ? 51  TYR A CG  1 
ATOM   350 C  CD1 . TYR A 1 51  ? -1.043  16.004  5.926   1.00 69.15  ? 51  TYR A CD1 1 
ATOM   351 C  CD2 . TYR A 1 51  ? -0.315  14.368  4.359   1.00 70.98  ? 51  TYR A CD2 1 
ATOM   352 C  CE1 . TYR A 1 51  ? -2.189  16.221  5.178   1.00 72.30  ? 51  TYR A CE1 1 
ATOM   353 C  CE2 . TYR A 1 51  ? -1.454  14.570  3.607   1.00 71.97  ? 51  TYR A CE2 1 
ATOM   354 C  CZ  . TYR A 1 51  ? -2.391  15.499  4.021   1.00 75.50  ? 51  TYR A CZ  1 
ATOM   355 O  OH  . TYR A 1 51  ? -3.529  15.703  3.275   1.00 72.68  ? 51  TYR A OH  1 
ATOM   356 N  N   . GLY A 1 52  ? 4.394   15.438  7.106   1.00 73.60  ? 52  GLY A N   1 
ATOM   357 C  CA  . GLY A 1 52  ? 5.446   15.258  8.092   1.00 72.03  ? 52  GLY A CA  1 
ATOM   358 C  C   . GLY A 1 52  ? 5.505   13.832  8.592   1.00 72.88  ? 52  GLY A C   1 
ATOM   359 O  O   . GLY A 1 52  ? 4.482   13.159  8.628   1.00 74.73  ? 52  GLY A O   1 
ATOM   360 N  N   . ALA A 1 53  ? 6.695   13.374  8.983   1.00 85.35  ? 53  ALA A N   1 
ATOM   361 C  CA  . ALA A 1 53  ? 6.897   11.978  9.395   1.00 90.45  ? 53  ALA A CA  1 
ATOM   362 C  C   . ALA A 1 53  ? 6.122   11.619  10.663  1.00 87.04  ? 53  ALA A C   1 
ATOM   363 O  O   . ALA A 1 53  ? 5.684   10.473  10.831  1.00 86.27  ? 53  ALA A O   1 
ATOM   364 C  CB  . ALA A 1 53  ? 8.387   11.663  9.556   1.00 86.13  ? 53  ALA A CB  1 
ATOM   365 N  N   . ASN A 1 54  ? 5.974   12.596  11.557  1.00 81.20  ? 54  ASN A N   1 
ATOM   366 C  CA  . ASN A 1 54  ? 4.988   12.501  12.626  1.00 86.65  ? 54  ASN A CA  1 
ATOM   367 C  C   . ASN A 1 54  ? 3.640   12.287  11.952  1.00 89.06  ? 54  ASN A C   1 
ATOM   368 O  O   . ASN A 1 54  ? 3.459   12.698  10.808  1.00 92.74  ? 54  ASN A O   1 
ATOM   369 C  CB  . ASN A 1 54  ? 4.951   13.793  13.457  1.00 89.70  ? 54  ASN A CB  1 
ATOM   370 C  CG  . ASN A 1 54  ? 6.230   14.020  14.267  1.00 95.77  ? 54  ASN A CG  1 
ATOM   371 O  OD1 . ASN A 1 54  ? 6.879   15.065  14.148  1.00 83.84  ? 54  ASN A OD1 1 
ATOM   372 N  ND2 . ASN A 1 54  ? 6.591   13.042  15.098  1.00 94.45  ? 54  ASN A ND2 1 
ATOM   373 N  N   . VAL A 1 55  ? 2.706   11.643  12.643  1.00 84.60  ? 55  VAL A N   1 
ATOM   374 C  CA  . VAL A 1 55  ? 1.357   11.397  12.112  1.00 81.94  ? 55  VAL A CA  1 
ATOM   375 C  C   . VAL A 1 55  ? 1.255   10.164  11.222  1.00 75.79  ? 55  VAL A C   1 
ATOM   376 O  O   . VAL A 1 55  ? 0.290   9.407   11.329  1.00 78.27  ? 55  VAL A O   1 
ATOM   377 C  CB  . VAL A 1 55  ? 0.751   12.616  11.365  1.00 73.25  ? 55  VAL A CB  1 
ATOM   378 C  CG1 . VAL A 1 55  ? 0.974   12.511  9.869   1.00 67.02  ? 55  VAL A CG1 1 
ATOM   379 C  CG2 . VAL A 1 55  ? -0.731  12.691  11.638  1.00 83.11  ? 55  VAL A CG2 1 
ATOM   380 N  N   . LEU A 1 56  ? 2.238   9.963   10.348  1.00 74.00  ? 56  LEU A N   1 
ATOM   381 C  CA  . LEU A 1 56  ? 2.215   8.817   9.444   1.00 69.10  ? 56  LEU A CA  1 
ATOM   382 C  C   . LEU A 1 56  ? 2.520   7.530   10.181  1.00 66.80  ? 56  LEU A C   1 
ATOM   383 O  O   . LEU A 1 56  ? 3.416   7.484   11.023  1.00 72.54  ? 56  LEU A O   1 
ATOM   384 C  CB  . LEU A 1 56  ? 3.204   8.994   8.295   1.00 63.47  ? 56  LEU A CB  1 
ATOM   385 C  CG  . LEU A 1 56  ? 2.845   10.063  7.266   1.00 64.20  ? 56  LEU A CG  1 
ATOM   386 C  CD1 . LEU A 1 56  ? 4.033   10.346  6.382   1.00 65.72  ? 56  LEU A CD1 1 
ATOM   387 C  CD2 . LEU A 1 56  ? 1.664   9.618   6.436   1.00 64.66  ? 56  LEU A CD2 1 
ATOM   388 N  N   . PRO A 1 57  ? 1.764   6.474   9.870   1.00 65.86  ? 57  PRO A N   1 
ATOM   389 C  CA  . PRO A 1 57  ? 2.068   5.136   10.377  1.00 65.62  ? 57  PRO A CA  1 
ATOM   390 C  C   . PRO A 1 57  ? 3.456   4.711   9.913   1.00 67.15  ? 57  PRO A C   1 
ATOM   391 O  O   . PRO A 1 57  ? 4.067   5.365   9.067   1.00 68.91  ? 57  PRO A O   1 
ATOM   392 C  CB  . PRO A 1 57  ? 1.014   4.255   9.705   1.00 61.97  ? 57  PRO A CB  1 
ATOM   393 C  CG  . PRO A 1 57  ? -0.081  5.175   9.322   1.00 62.69  ? 57  PRO A CG  1 
ATOM   394 C  CD  . PRO A 1 57  ? 0.559   6.494   9.026   1.00 62.25  ? 57  PRO A CD  1 
ATOM   395 N  N   . ALA A 1 58  ? 3.953   3.615   10.461  1.00 63.05  ? 58  ALA A N   1 
ATOM   396 C  CA  . ALA A 1 58  ? 5.248   3.115   10.047  1.00 67.07  ? 58  ALA A CA  1 
ATOM   397 C  C   . ALA A 1 58  ? 5.136   2.359   8.713   1.00 72.55  ? 58  ALA A C   1 
ATOM   398 O  O   . ALA A 1 58  ? 4.198   1.586   8.499   1.00 71.56  ? 58  ALA A O   1 
ATOM   399 C  CB  . ALA A 1 58  ? 5.826   2.227   11.134  1.00 65.78  ? 58  ALA A CB  1 
ATOM   400 N  N   . PHE A 1 59  ? 6.091   2.587   7.816   1.00 69.75  ? 59  PHE A N   1 
ATOM   401 C  CA  . PHE A 1 59  ? 6.084   1.929   6.511   1.00 61.10  ? 59  PHE A CA  1 
ATOM   402 C  C   . PHE A 1 59  ? 7.175   0.867   6.424   1.00 63.37  ? 59  PHE A C   1 
ATOM   403 O  O   . PHE A 1 59  ? 8.315   1.106   6.827   1.00 69.12  ? 59  PHE A O   1 
ATOM   404 C  CB  . PHE A 1 59  ? 6.266   2.967   5.397   1.00 62.23  ? 59  PHE A CB  1 
ATOM   405 C  CG  . PHE A 1 59  ? 6.014   2.432   4.011   1.00 64.47  ? 59  PHE A CG  1 
ATOM   406 C  CD1 . PHE A 1 59  ? 4.724   2.394   3.489   1.00 56.20  ? 59  PHE A CD1 1 
ATOM   407 C  CD2 . PHE A 1 59  ? 7.066   1.977   3.225   1.00 60.72  ? 59  PHE A CD2 1 
ATOM   408 C  CE1 . PHE A 1 59  ? 4.485   1.907   2.208   1.00 54.49  ? 59  PHE A CE1 1 
ATOM   409 C  CE2 . PHE A 1 59  ? 6.836   1.492   1.942   1.00 62.37  ? 59  PHE A CE2 1 
ATOM   410 C  CZ  . PHE A 1 59  ? 5.538   1.460   1.432   1.00 55.89  ? 59  PHE A CZ  1 
ATOM   411 N  N   . PRO A 1 60  ? 6.836   -0.310  5.880   1.00 64.89  ? 60  PRO A N   1 
ATOM   412 C  CA  . PRO A 1 60  ? 7.788   -1.429  5.801   1.00 63.50  ? 60  PRO A CA  1 
ATOM   413 C  C   . PRO A 1 60  ? 9.074   -1.044  5.062   1.00 66.90  ? 60  PRO A C   1 
ATOM   414 O  O   . PRO A 1 60  ? 9.017   -0.323  4.062   1.00 66.19  ? 60  PRO A O   1 
ATOM   415 C  CB  . PRO A 1 60  ? 7.021   -2.491  5.005   1.00 68.23  ? 60  PRO A CB  1 
ATOM   416 C  CG  . PRO A 1 60  ? 5.579   -2.101  5.118   1.00 68.09  ? 60  PRO A CG  1 
ATOM   417 C  CD  . PRO A 1 60  ? 5.559   -0.612  5.216   1.00 59.57  ? 60  PRO A CD  1 
ATOM   418 N  N   . PRO A 1 61  ? 10.223  -1.548  5.536   1.00 64.67  ? 61  PRO A N   1 
ATOM   419 C  CA  . PRO A 1 61  ? 11.554  -1.161  5.054   1.00 60.31  ? 61  PRO A CA  1 
ATOM   420 C  C   . PRO A 1 61  ? 11.880  -1.689  3.659   1.00 56.08  ? 61  PRO A C   1 
ATOM   421 O  O   . PRO A 1 61  ? 11.336  -2.698  3.231   1.00 54.87  ? 61  PRO A O   1 
ATOM   422 C  CB  . PRO A 1 61  ? 12.502  -1.823  6.062   1.00 61.57  ? 61  PRO A CB  1 
ATOM   423 C  CG  . PRO A 1 61  ? 11.627  -2.516  7.084   1.00 62.87  ? 61  PRO A CG  1 
ATOM   424 C  CD  . PRO A 1 61  ? 10.286  -2.681  6.470   1.00 62.67  ? 61  PRO A CD  1 
ATOM   425 N  N   . LYS A 1 62  ? 12.780  -1.005  2.962   1.00 58.73  ? 62  LYS A N   1 
ATOM   426 C  CA  . LYS A 1 62  ? 13.312  -1.505  1.711   1.00 56.26  ? 62  LYS A CA  1 
ATOM   427 C  C   . LYS A 1 62  ? 14.108  -2.775  1.953   1.00 64.96  ? 62  LYS A C   1 
ATOM   428 O  O   . LYS A 1 62  ? 14.527  -3.051  3.081   1.00 62.06  ? 62  LYS A O   1 
ATOM   429 C  CB  . LYS A 1 62  ? 14.212  -0.460  1.074   1.00 47.16  ? 62  LYS A CB  1 
ATOM   430 C  CG  . LYS A 1 62  ? 13.491  0.824   0.760   1.00 56.43  ? 62  LYS A CG  1 
ATOM   431 C  CD  . LYS A 1 62  ? 14.422  1.802   0.078   1.00 63.62  ? 62  LYS A CD  1 
ATOM   432 C  CE  . LYS A 1 62  ? 14.001  3.244   0.334   1.00 61.11  ? 62  LYS A CE  1 
ATOM   433 N  NZ  . LYS A 1 62  ? 14.904  4.186   -0.384  1.00 72.19  ? 62  LYS A NZ  1 
ATOM   434 N  N   . LYS A 1 63  ? 14.310  -3.551  0.893   1.00 66.21  ? 63  LYS A N   1 
ATOM   435 C  CA  . LYS A 1 63  ? 15.167  -4.727  0.962   1.00 62.20  ? 63  LYS A CA  1 
ATOM   436 C  C   . LYS A 1 63  ? 16.324  -4.592  -0.024  1.00 64.87  ? 63  LYS A C   1 
ATOM   437 O  O   . LYS A 1 63  ? 16.233  -3.846  -1.002  1.00 62.30  ? 63  LYS A O   1 
ATOM   438 C  CB  . LYS A 1 63  ? 14.364  -5.992  0.674   1.00 66.99  ? 63  LYS A CB  1 
ATOM   439 C  CG  . LYS A 1 63  ? 13.264  -6.275  1.694   1.00 69.94  ? 63  LYS A CG  1 
ATOM   440 C  CD  . LYS A 1 63  ? 13.806  -7.048  2.885   1.00 70.08  ? 63  LYS A CD  1 
ATOM   441 C  CE  . LYS A 1 63  ? 12.827  -7.041  4.045   1.00 65.25  ? 63  LYS A CE  1 
ATOM   442 N  NZ  . LYS A 1 63  ? 13.536  -6.807  5.344   1.00 70.40  ? 63  LYS A NZ  1 
ATOM   443 N  N   . LEU A 1 64  ? 17.413  -5.307  0.236   1.00 64.65  ? 64  LEU A N   1 
ATOM   444 C  CA  . LEU A 1 64  ? 18.588  -5.224  -0.626  1.00 62.30  ? 64  LEU A CA  1 
ATOM   445 C  C   . LEU A 1 64  ? 18.789  -6.493  -1.467  1.00 66.23  ? 64  LEU A C   1 
ATOM   446 O  O   . LEU A 1 64  ? 19.620  -6.528  -2.383  1.00 62.70  ? 64  LEU A O   1 
ATOM   447 C  CB  . LEU A 1 64  ? 19.830  -4.906  0.207   1.00 63.80  ? 64  LEU A CB  1 
ATOM   448 C  CG  . LEU A 1 64  ? 19.723  -3.590  0.983   1.00 65.23  ? 64  LEU A CG  1 
ATOM   449 C  CD1 . LEU A 1 64  ? 20.957  -3.369  1.839   1.00 59.32  ? 64  LEU A CD1 1 
ATOM   450 C  CD2 . LEU A 1 64  ? 19.499  -2.410  0.034   1.00 57.35  ? 64  LEU A CD2 1 
ATOM   451 N  N   . PHE A 1 65  ? 18.016  -7.528  -1.152  1.00 66.95  ? 65  PHE A N   1 
ATOM   452 C  CA  . PHE A 1 65  ? 18.010  -8.757  -1.938  1.00 65.55  ? 65  PHE A CA  1 
ATOM   453 C  C   . PHE A 1 65  ? 16.573  -9.148  -2.243  1.00 63.34  ? 65  PHE A C   1 
ATOM   454 O  O   . PHE A 1 65  ? 15.644  -8.678  -1.587  1.00 64.70  ? 65  PHE A O   1 
ATOM   455 C  CB  . PHE A 1 65  ? 18.690  -9.895  -1.172  1.00 65.75  ? 65  PHE A CB  1 
ATOM   456 C  CG  . PHE A 1 65  ? 20.022  -9.525  -0.586  1.00 64.91  ? 65  PHE A CG  1 
ATOM   457 C  CD1 . PHE A 1 65  ? 20.107  -9.017  0.700   1.00 58.94  ? 65  PHE A CD1 1 
ATOM   458 C  CD2 . PHE A 1 65  ? 21.187  -9.684  -1.323  1.00 64.55  ? 65  PHE A CD2 1 
ATOM   459 C  CE1 . PHE A 1 65  ? 21.331  -8.677  1.240   1.00 65.14  ? 65  PHE A CE1 1 
ATOM   460 C  CE2 . PHE A 1 65  ? 22.417  -9.348  -0.793  1.00 63.56  ? 65  PHE A CE2 1 
ATOM   461 C  CZ  . PHE A 1 65  ? 22.493  -8.843  0.491   1.00 66.60  ? 65  PHE A CZ  1 
ATOM   462 N  N   . SER A 1 66  ? 16.393  -10.019 -3.229  1.00 64.69  ? 66  SER A N   1 
ATOM   463 C  CA  . SER A 1 66  ? 15.069  -10.548 -3.550  1.00 62.79  ? 66  SER A CA  1 
ATOM   464 C  C   . SER A 1 66  ? 14.381  -11.171 -2.341  1.00 68.89  ? 66  SER A C   1 
ATOM   465 O  O   . SER A 1 66  ? 15.007  -11.434 -1.316  1.00 68.21  ? 66  SER A O   1 
ATOM   466 C  CB  . SER A 1 66  ? 15.160  -11.549 -4.688  1.00 62.91  ? 66  SER A CB  1 
ATOM   467 O  OG  . SER A 1 66  ? 15.468  -10.866 -5.888  1.00 69.20  ? 66  SER A OG  1 
ATOM   468 N  N   . LEU A 1 67  ? 13.079  -11.403 -2.462  1.00 72.75  ? 67  LEU A N   1 
ATOM   469 C  CA  . LEU A 1 67  ? 12.290  -11.749 -1.290  1.00 69.57  ? 67  LEU A CA  1 
ATOM   470 C  C   . LEU A 1 67  ? 11.929  -13.219 -1.147  1.00 73.88  ? 67  LEU A C   1 
ATOM   471 O  O   . LEU A 1 67  ? 11.257  -13.808 -1.995  1.00 73.20  ? 67  LEU A O   1 
ATOM   472 C  CB  . LEU A 1 67  ? 11.031  -10.884 -1.207  1.00 72.38  ? 67  LEU A CB  1 
ATOM   473 C  CG  . LEU A 1 67  ? 11.148  -9.664  -0.290  1.00 68.48  ? 67  LEU A CG  1 
ATOM   474 C  CD1 . LEU A 1 67  ? 12.278  -8.761  -0.744  1.00 67.68  ? 67  LEU A CD1 1 
ATOM   475 C  CD2 . LEU A 1 67  ? 9.835   -8.898  -0.231  1.00 60.77  ? 67  LEU A CD2 1 
ATOM   476 N  N   . THR A 1 68  ? 12.405  -13.795 -0.052  1.00 73.15  ? 68  THR A N   1 
ATOM   477 C  CA  . THR A 1 68  ? 11.911  -15.064 0.442   1.00 77.54  ? 68  THR A CA  1 
ATOM   478 C  C   . THR A 1 68  ? 10.387  -15.020 0.520   1.00 82.25  ? 68  THR A C   1 
ATOM   479 O  O   . THR A 1 68  ? 9.808   -13.978 0.839   1.00 78.24  ? 68  THR A O   1 
ATOM   480 C  CB  . THR A 1 68  ? 12.475  -15.323 1.849   1.00 75.47  ? 68  THR A CB  1 
ATOM   481 O  OG1 . THR A 1 68  ? 13.711  -16.034 1.738   1.00 78.44  ? 68  THR A OG1 1 
ATOM   482 C  CG2 . THR A 1 68  ? 11.507  -16.131 2.688   1.00 78.48  ? 68  THR A CG2 1 
ATOM   483 N  N   . PRO A 1 69  ? 9.724   -16.147 0.213   1.00 88.82  ? 69  PRO A N   1 
ATOM   484 C  CA  . PRO A 1 69  ? 8.276   -16.231 0.425   1.00 81.90  ? 69  PRO A CA  1 
ATOM   485 C  C   . PRO A 1 69  ? 7.882   -15.685 1.798   1.00 75.66  ? 69  PRO A C   1 
ATOM   486 O  O   . PRO A 1 69  ? 6.970   -14.869 1.902   1.00 79.86  ? 69  PRO A O   1 
ATOM   487 C  CB  . PRO A 1 69  ? 8.012   -17.733 0.345   1.00 78.05  ? 69  PRO A CB  1 
ATOM   488 C  CG  . PRO A 1 69  ? 9.035   -18.217 -0.640  1.00 83.73  ? 69  PRO A CG  1 
ATOM   489 C  CD  . PRO A 1 69  ? 10.264  -17.366 -0.415  1.00 84.70  ? 69  PRO A CD  1 
ATOM   490 N  N   . ALA A 1 70  ? 8.575   -16.121 2.840   1.00 70.97  ? 70  ALA A N   1 
ATOM   491 C  CA  . ALA A 1 70  ? 8.283   -15.642 4.181   1.00 76.08  ? 70  ALA A CA  1 
ATOM   492 C  C   . ALA A 1 70  ? 8.333   -14.121 4.223   1.00 77.42  ? 70  ALA A C   1 
ATOM   493 O  O   . ALA A 1 70  ? 7.490   -13.485 4.851   1.00 76.79  ? 70  ALA A O   1 
ATOM   494 C  CB  . ALA A 1 70  ? 9.261   -16.244 5.194   1.00 79.42  ? 70  ALA A CB  1 
ATOM   495 N  N   . GLU A 1 71  ? 9.329   -13.545 3.551   1.00 79.34  ? 71  GLU A N   1 
ATOM   496 C  CA  . GLU A 1 71  ? 9.473   -12.092 3.485   1.00 74.56  ? 71  GLU A CA  1 
ATOM   497 C  C   . GLU A 1 71  ? 8.296   -11.468 2.740   1.00 73.76  ? 71  GLU A C   1 
ATOM   498 O  O   . GLU A 1 71  ? 7.573   -10.638 3.295   1.00 75.51  ? 71  GLU A O   1 
ATOM   499 C  CB  . GLU A 1 71  ? 10.795  -11.694 2.820   1.00 68.39  ? 71  GLU A CB  1 
ATOM   500 C  CG  . GLU A 1 71  ? 12.042  -12.078 3.616   1.00 69.13  ? 71  GLU A CG  1 
ATOM   501 C  CD  . GLU A 1 71  ? 13.337  -11.835 2.845   1.00 74.90  ? 71  GLU A CD  1 
ATOM   502 O  OE1 . GLU A 1 71  ? 13.278  -11.628 1.611   1.00 80.30  ? 71  GLU A OE1 1 
ATOM   503 O  OE2 . GLU A 1 71  ? 14.418  -11.851 3.472   1.00 67.83  ? 71  GLU A OE2 1 
ATOM   504 N  N   . VAL A 1 72  ? 8.104   -11.869 1.486   1.00 70.82  ? 72  VAL A N   1 
ATOM   505 C  CA  . VAL A 1 72  ? 6.981   -11.379 0.700   1.00 65.14  ? 72  VAL A CA  1 
ATOM   506 C  C   . VAL A 1 72  ? 5.748   -11.369 1.568   1.00 72.06  ? 72  VAL A C   1 
ATOM   507 O  O   . VAL A 1 72  ? 5.108   -10.338 1.762   1.00 75.61  ? 72  VAL A O   1 
ATOM   508 C  CB  . VAL A 1 72  ? 6.677   -12.294 -0.472  1.00 68.09  ? 72  VAL A CB  1 
ATOM   509 C  CG1 . VAL A 1 72  ? 5.317   -11.934 -1.065  1.00 61.23  ? 72  VAL A CG1 1 
ATOM   510 C  CG2 . VAL A 1 72  ? 7.784   -12.211 -1.521  1.00 69.92  ? 72  VAL A CG2 1 
ATOM   511 N  N   . GLU A 1 73  ? 5.429   -12.544 2.091   1.00 73.64  ? 73  GLU A N   1 
ATOM   512 C  CA  . GLU A 1 73  ? 4.304   -12.721 2.990   1.00 74.25  ? 73  GLU A CA  1 
ATOM   513 C  C   . GLU A 1 73  ? 4.316   -11.721 4.151   1.00 73.37  ? 73  GLU A C   1 
ATOM   514 O  O   . GLU A 1 73  ? 3.296   -11.110 4.458   1.00 77.93  ? 73  GLU A O   1 
ATOM   515 C  CB  . GLU A 1 73  ? 4.278   -14.161 3.510   1.00 74.63  ? 73  GLU A CB  1 
ATOM   516 C  CG  . GLU A 1 73  ? 3.463   -14.349 4.773   1.00 76.56  ? 73  GLU A CG  1 
ATOM   517 C  CD  . GLU A 1 73  ? 2.017   -13.943 4.590   1.00 81.84  ? 73  GLU A CD  1 
ATOM   518 O  OE1 . GLU A 1 73  ? 1.555   -13.910 3.420   1.00 70.21  ? 73  GLU A OE1 1 
ATOM   519 O  OE2 . GLU A 1 73  ? 1.354   -13.658 5.618   1.00 82.65  ? 73  GLU A OE2 1 
ATOM   520 N  N   . GLN A 1 74  ? 5.460   -11.547 4.804   1.00 74.45  ? 74  GLN A N   1 
ATOM   521 C  CA  . GLN A 1 74  ? 5.512   -10.621 5.932   1.00 78.90  ? 74  GLN A CA  1 
ATOM   522 C  C   . GLN A 1 74  ? 5.248   -9.195  5.471   1.00 78.35  ? 74  GLN A C   1 
ATOM   523 O  O   . GLN A 1 74  ? 4.506   -8.448  6.115   1.00 76.82  ? 74  GLN A O   1 
ATOM   524 C  CB  . GLN A 1 74  ? 6.852   -10.684 6.665   1.00 74.46  ? 74  GLN A CB  1 
ATOM   525 C  CG  . GLN A 1 74  ? 6.841   -9.882  7.956   1.00 80.69  ? 74  GLN A CG  1 
ATOM   526 C  CD  . GLN A 1 74  ? 8.222   -9.697  8.555   1.00 88.60  ? 74  GLN A CD  1 
ATOM   527 O  OE1 . GLN A 1 74  ? 9.201   -10.290 8.089   1.00 87.55  ? 74  GLN A OE1 1 
ATOM   528 N  NE2 . GLN A 1 74  ? 8.311   -8.865  9.596   1.00 78.02  ? 74  GLN A NE2 1 
ATOM   529 N  N   . ARG A 1 75  ? 5.862   -8.828  4.350   1.00 73.18  ? 75  ARG A N   1 
ATOM   530 C  CA  . ARG A 1 75  ? 5.695   -7.499  3.782   1.00 67.59  ? 75  ARG A CA  1 
ATOM   531 C  C   . ARG A 1 75  ? 4.248   -7.301  3.360   1.00 69.09  ? 75  ARG A C   1 
ATOM   532 O  O   . ARG A 1 75  ? 3.777   -6.176  3.238   1.00 70.11  ? 75  ARG A O   1 
ATOM   533 C  CB  . ARG A 1 75  ? 6.647   -7.300  2.599   1.00 65.93  ? 75  ARG A CB  1 
ATOM   534 C  CG  . ARG A 1 75  ? 6.391   -6.051  1.773   1.00 61.71  ? 75  ARG A CG  1 
ATOM   535 C  CD  . ARG A 1 75  ? 7.429   -5.888  0.659   1.00 58.57  ? 75  ARG A CD  1 
ATOM   536 N  NE  . ARG A 1 75  ? 8.646   -5.217  1.122   1.00 59.23  ? 75  ARG A NE  1 
ATOM   537 C  CZ  . ARG A 1 75  ? 9.640   -4.844  0.323   1.00 56.53  ? 75  ARG A CZ  1 
ATOM   538 N  NH1 . ARG A 1 75  ? 9.569   -5.095  -0.979  1.00 53.24  ? 75  ARG A NH1 1 
ATOM   539 N  NH2 . ARG A 1 75  ? 10.707  -4.230  0.823   1.00 56.83  ? 75  ARG A NH2 1 
ATOM   540 N  N   . ARG A 1 76  ? 3.540   -8.404  3.144   1.00 71.82  ? 76  ARG A N   1 
ATOM   541 C  CA  . ARG A 1 76  ? 2.123   -8.334  2.819   1.00 71.10  ? 76  ARG A CA  1 
ATOM   542 C  C   . ARG A 1 76  ? 1.340   -7.858  4.035   1.00 69.70  ? 76  ARG A C   1 
ATOM   543 O  O   . ARG A 1 76  ? 0.589   -6.892  3.950   1.00 72.72  ? 76  ARG A O   1 
ATOM   544 C  CB  . ARG A 1 76  ? 1.595   -9.689  2.341   1.00 72.33  ? 76  ARG A CB  1 
ATOM   545 C  CG  . ARG A 1 76  ? 0.153   -9.647  1.859   1.00 73.44  ? 76  ARG A CG  1 
ATOM   546 C  CD  . ARG A 1 76  ? -0.497  -11.029 1.848   1.00 77.61  ? 76  ARG A CD  1 
ATOM   547 N  NE  . ARG A 1 76  ? -0.342  -11.733 3.119   1.00 76.66  ? 76  ARG A NE  1 
ATOM   548 C  CZ  . ARG A 1 76  ? -1.010  -11.436 4.229   1.00 80.91  ? 76  ARG A CZ  1 
ATOM   549 N  NH1 . ARG A 1 76  ? -0.802  -12.136 5.339   1.00 84.30  ? 76  ARG A NH1 1 
ATOM   550 N  NH2 . ARG A 1 76  ? -1.884  -10.437 4.232   1.00 80.70  ? 76  ARG A NH2 1 
ATOM   551 N  N   . GLU A 1 77  ? 1.528   -8.533  5.164   1.00 70.14  ? 77  GLU A N   1 
ATOM   552 C  CA  . GLU A 1 77  ? 0.871   -8.143  6.407   1.00 76.15  ? 77  GLU A CA  1 
ATOM   553 C  C   . GLU A 1 77  ? 1.115   -6.675  6.737   1.00 72.57  ? 77  GLU A C   1 
ATOM   554 O  O   . GLU A 1 77  ? 0.196   -5.951  7.131   1.00 71.85  ? 77  GLU A O   1 
ATOM   555 C  CB  . GLU A 1 77  ? 1.361   -9.006  7.572   1.00 81.37  ? 77  GLU A CB  1 
ATOM   556 C  CG  . GLU A 1 77  ? 0.817   -10.425 7.575   1.00 93.76  ? 77  GLU A CG  1 
ATOM   557 C  CD  . GLU A 1 77  ? 1.092   -11.162 8.882   1.00 107.13 ? 77  GLU A CD  1 
ATOM   558 O  OE1 . GLU A 1 77  ? 2.165   -10.932 9.494   1.00 93.79  ? 77  GLU A OE1 1 
ATOM   559 O  OE2 . GLU A 1 77  ? 0.228   -11.973 9.292   1.00 110.96 ? 77  GLU A OE2 1 
ATOM   560 N  N   . GLN A 1 78  ? 2.357   -6.242  6.570   1.00 71.47  ? 78  GLN A N   1 
ATOM   561 C  CA  . GLN A 1 78  ? 2.759   -4.905  6.988   1.00 71.92  ? 78  GLN A CA  1 
ATOM   562 C  C   . GLN A 1 78  ? 2.229   -3.793  6.091   1.00 65.23  ? 78  GLN A C   1 
ATOM   563 O  O   . GLN A 1 78  ? 1.975   -2.687  6.562   1.00 71.81  ? 78  GLN A O   1 
ATOM   564 C  CB  . GLN A 1 78  ? 4.278   -4.822  7.108   1.00 72.96  ? 78  GLN A CB  1 
ATOM   565 C  CG  . GLN A 1 78  ? 4.869   -5.899  8.002   1.00 76.91  ? 78  GLN A CG  1 
ATOM   566 C  CD  . GLN A 1 78  ? 6.377   -5.966  7.898   1.00 79.62  ? 78  GLN A CD  1 
ATOM   567 O  OE1 . GLN A 1 78  ? 6.927   -6.847  7.236   1.00 82.75  ? 78  GLN A OE1 1 
ATOM   568 N  NE2 . GLN A 1 78  ? 7.057   -5.024  8.539   1.00 71.61  ? 78  GLN A NE2 1 
ATOM   569 N  N   . LEU A 1 79  ? 2.067   -4.079  4.804   1.00 65.22  ? 79  LEU A N   1 
ATOM   570 C  CA  . LEU A 1 79  ? 1.473   -3.112  3.882   1.00 65.79  ? 79  LEU A CA  1 
ATOM   571 C  C   . LEU A 1 79  ? -0.030  -3.087  4.098   1.00 70.60  ? 79  LEU A C   1 
ATOM   572 O  O   . LEU A 1 79  ? -0.674  -2.038  4.000   1.00 64.01  ? 79  LEU A O   1 
ATOM   573 C  CB  . LEU A 1 79  ? 1.793   -3.472  2.430   1.00 66.47  ? 79  LEU A CB  1 
ATOM   574 C  CG  . LEU A 1 79  ? 3.230   -3.203  1.967   1.00 65.90  ? 79  LEU A CG  1 
ATOM   575 C  CD1 . LEU A 1 79  ? 3.493   -3.778  0.582   1.00 58.17  ? 79  LEU A CD1 1 
ATOM   576 C  CD2 . LEU A 1 79  ? 3.534   -1.719  1.983   1.00 60.32  ? 79  LEU A CD2 1 
ATOM   577 N  N   . GLU A 1 80  ? -0.576  -4.263  4.393   1.00 75.45  ? 80  GLU A N   1 
ATOM   578 C  CA  . GLU A 1 80  ? -1.974  -4.408  4.746   1.00 66.26  ? 80  GLU A CA  1 
ATOM   579 C  C   . GLU A 1 80  ? -2.256  -3.511  5.941   1.00 69.59  ? 80  GLU A C   1 
ATOM   580 O  O   . GLU A 1 80  ? -3.113  -2.629  5.875   1.00 68.36  ? 80  GLU A O   1 
ATOM   581 C  CB  . GLU A 1 80  ? -2.270  -5.868  5.098   1.00 75.64  ? 80  GLU A CB  1 
ATOM   582 C  CG  . GLU A 1 80  ? -3.756  -6.229  5.202   1.00 83.05  ? 80  GLU A CG  1 
ATOM   583 C  CD  . GLU A 1 80  ? -3.979  -7.656  5.692   1.00 83.56  ? 80  GLU A CD  1 
ATOM   584 O  OE1 . GLU A 1 80  ? -4.591  -8.456  4.946   1.00 83.20  ? 80  GLU A OE1 1 
ATOM   585 O  OE2 . GLU A 1 80  ? -3.525  -7.977  6.815   1.00 76.69  ? 80  GLU A OE2 1 
ATOM   586 N  N   . LYS A 1 81  ? -1.525  -3.728  7.031   1.00 69.26  ? 81  LYS A N   1 
ATOM   587 C  CA  . LYS A 1 81  ? -1.768  -2.965  8.252   1.00 69.96  ? 81  LYS A CA  1 
ATOM   588 C  C   . LYS A 1 81  ? -1.619  -1.466  7.980   1.00 69.78  ? 81  LYS A C   1 
ATOM   589 O  O   . LYS A 1 81  ? -2.393  -0.657  8.500   1.00 63.46  ? 81  LYS A O   1 
ATOM   590 C  CB  . LYS A 1 81  ? -0.848  -3.425  9.392   1.00 51.69  ? 81  LYS A CB  1 
ATOM   591 N  N   . TYR A 1 82  ? -0.641  -1.113  7.141   1.00 66.77  ? 82  TYR A N   1 
ATOM   592 C  CA  . TYR A 1 82  ? -0.332  0.288   6.833   1.00 62.63  ? 82  TYR A CA  1 
ATOM   593 C  C   . TYR A 1 82  ? -1.478  1.000   6.115   1.00 64.33  ? 82  TYR A C   1 
ATOM   594 O  O   . TYR A 1 82  ? -1.921  2.066   6.545   1.00 66.12  ? 82  TYR A O   1 
ATOM   595 C  CB  . TYR A 1 82  ? 0.965   0.396   6.017   1.00 63.40  ? 82  TYR A CB  1 
ATOM   596 C  CG  . TYR A 1 82  ? 1.278   1.797   5.525   1.00 60.33  ? 82  TYR A CG  1 
ATOM   597 C  CD1 . TYR A 1 82  ? 1.938   2.711   6.332   1.00 65.70  ? 82  TYR A CD1 1 
ATOM   598 C  CD2 . TYR A 1 82  ? 0.912   2.201   4.254   1.00 58.88  ? 82  TYR A CD2 1 
ATOM   599 C  CE1 . TYR A 1 82  ? 2.217   3.998   5.879   1.00 64.87  ? 82  TYR A CE1 1 
ATOM   600 C  CE2 . TYR A 1 82  ? 1.191   3.476   3.794   1.00 57.03  ? 82  TYR A CE2 1 
ATOM   601 C  CZ  . TYR A 1 82  ? 1.840   4.375   4.606   1.00 59.01  ? 82  TYR A CZ  1 
ATOM   602 O  OH  . TYR A 1 82  ? 2.111   5.649   4.137   1.00 54.81  ? 82  TYR A OH  1 
ATOM   603 N  N   . MET A 1 83  ? -1.959  0.412   5.024   1.00 67.70  ? 83  MET A N   1 
ATOM   604 C  CA  . MET A 1 83  ? -3.089  0.981   4.282   1.00 65.52  ? 83  MET A CA  1 
ATOM   605 C  C   . MET A 1 83  ? -4.319  1.210   5.160   1.00 68.66  ? 83  MET A C   1 
ATOM   606 O  O   . MET A 1 83  ? -4.984  2.245   5.058   1.00 68.95  ? 83  MET A O   1 
ATOM   607 C  CB  . MET A 1 83  ? -3.458  0.096   3.093   1.00 52.64  ? 83  MET A CB  1 
ATOM   608 C  CG  . MET A 1 83  ? -2.377  0.005   2.030   1.00 61.82  ? 83  MET A CG  1 
ATOM   609 S  SD  . MET A 1 83  ? -2.347  1.377   0.841   1.00 64.54  ? 83  MET A SD  1 
ATOM   610 C  CE  . MET A 1 83  ? -1.720  2.710   1.858   1.00 63.87  ? 83  MET A CE  1 
ATOM   611 N  N   . GLN A 1 84  ? -4.620  0.239   6.019   1.00 69.74  ? 84  GLN A N   1 
ATOM   612 C  CA  . GLN A 1 84  ? -5.746  0.345   6.935   1.00 67.22  ? 84  GLN A CA  1 
ATOM   613 C  C   . GLN A 1 84  ? -5.521  1.499   7.893   1.00 69.16  ? 84  GLN A C   1 
ATOM   614 O  O   . GLN A 1 84  ? -6.424  2.296   8.150   1.00 76.35  ? 84  GLN A O   1 
ATOM   615 C  CB  . GLN A 1 84  ? -5.917  -0.956  7.720   1.00 69.19  ? 84  GLN A CB  1 
ATOM   616 C  CG  . GLN A 1 84  ? -6.131  -2.182  6.838   1.00 72.13  ? 84  GLN A CG  1 
ATOM   617 C  CD  . GLN A 1 84  ? -6.141  -3.484  7.622   1.00 76.33  ? 84  GLN A CD  1 
ATOM   618 O  OE1 . GLN A 1 84  ? -5.334  -3.690  8.535   1.00 79.96  ? 84  GLN A OE1 1 
ATOM   619 N  NE2 . GLN A 1 84  ? -7.056  -4.374  7.265   1.00 76.44  ? 84  GLN A NE2 1 
ATOM   620 N  N   . ALA A 1 85  ? -4.304  1.591   8.413   1.00 67.46  ? 85  ALA A N   1 
ATOM   621 C  CA  . ALA A 1 85  ? -3.976  2.610   9.397   1.00 65.86  ? 85  ALA A CA  1 
ATOM   622 C  C   . ALA A 1 85  ? -4.142  3.996   8.804   1.00 69.27  ? 85  ALA A C   1 
ATOM   623 O  O   . ALA A 1 85  ? -4.565  4.925   9.494   1.00 73.44  ? 85  ALA A O   1 
ATOM   624 C  CB  . ALA A 1 85  ? -2.552  2.419   9.910   1.00 64.61  ? 85  ALA A CB  1 
ATOM   625 N  N   . VAL A 1 86  ? -3.800  4.142   7.527   1.00 62.77  ? 86  VAL A N   1 
ATOM   626 C  CA  . VAL A 1 86  ? -3.936  5.436   6.876   1.00 61.36  ? 86  VAL A CA  1 
ATOM   627 C  C   . VAL A 1 86  ? -5.400  5.738   6.605   1.00 65.94  ? 86  VAL A C   1 
ATOM   628 O  O   . VAL A 1 86  ? -5.860  6.852   6.846   1.00 72.48  ? 86  VAL A O   1 
ATOM   629 C  CB  . VAL A 1 86  ? -3.133  5.526   5.573   1.00 57.86  ? 86  VAL A CB  1 
ATOM   630 C  CG1 . VAL A 1 86  ? -3.513  6.778   4.811   1.00 51.46  ? 86  VAL A CG1 1 
ATOM   631 C  CG2 . VAL A 1 86  ? -1.650  5.527   5.872   1.00 60.17  ? 86  VAL A CG2 1 
ATOM   632 N  N   . ARG A 1 87  ? -6.139  4.746   6.125   1.00 64.33  ? 87  ARG A N   1 
ATOM   633 C  CA  . ARG A 1 87  ? -7.548  4.965   5.823   1.00 68.81  ? 87  ARG A CA  1 
ATOM   634 C  C   . ARG A 1 87  ? -8.358  5.306   7.069   1.00 73.20  ? 87  ARG A C   1 
ATOM   635 O  O   . ARG A 1 87  ? -9.401  5.949   6.965   1.00 74.40  ? 87  ARG A O   1 
ATOM   636 C  CB  . ARG A 1 87  ? -8.164  3.759   5.116   1.00 67.76  ? 87  ARG A CB  1 
ATOM   637 C  CG  . ARG A 1 87  ? -9.567  4.017   4.566   1.00 65.93  ? 87  ARG A CG  1 
ATOM   638 N  N   . GLN A 1 88  ? -7.884  4.875   8.238   1.00 73.51  ? 88  GLN A N   1 
ATOM   639 C  CA  . GLN A 1 88  ? -8.596  5.120   9.497   1.00 75.57  ? 88  GLN A CA  1 
ATOM   640 C  C   . GLN A 1 88  ? -8.298  6.507   10.052  1.00 72.64  ? 88  GLN A C   1 
ATOM   641 O  O   . GLN A 1 88  ? -9.057  7.036   10.862  1.00 77.82  ? 88  GLN A O   1 
ATOM   642 C  CB  . GLN A 1 88  ? -8.261  4.052   10.548  1.00 63.82  ? 88  GLN A CB  1 
ATOM   643 N  N   . ASP A 1 89  ? -7.192  7.092   9.606   1.00 74.08  ? 89  ASP A N   1 
ATOM   644 C  CA  . ASP A 1 89  ? -6.743  8.387   10.103  1.00 74.44  ? 89  ASP A CA  1 
ATOM   645 C  C   . ASP A 1 89  ? -7.607  9.522   9.540   1.00 76.91  ? 89  ASP A C   1 
ATOM   646 O  O   . ASP A 1 89  ? -7.686  9.706   8.324   1.00 73.49  ? 89  ASP A O   1 
ATOM   647 C  CB  . ASP A 1 89  ? -5.263  8.593   9.748   1.00 71.88  ? 89  ASP A CB  1 
ATOM   648 C  CG  . ASP A 1 89  ? -4.616  9.735   10.528  1.00 77.16  ? 89  ASP A CG  1 
ATOM   649 O  OD1 . ASP A 1 89  ? -3.660  9.469   11.292  1.00 72.05  ? 89  ASP A OD1 1 
ATOM   650 O  OD2 . ASP A 1 89  ? -5.056  10.896  10.372  1.00 77.88  ? 89  ASP A OD2 1 
ATOM   651 N  N   . PRO A 1 90  ? -8.261  10.288  10.430  1.00 79.84  ? 90  PRO A N   1 
ATOM   652 C  CA  . PRO A 1 90  ? -9.116  11.405  10.014  1.00 77.29  ? 90  PRO A CA  1 
ATOM   653 C  C   . PRO A 1 90  ? -8.425  12.291  8.991   1.00 74.29  ? 90  PRO A C   1 
ATOM   654 O  O   . PRO A 1 90  ? -8.996  12.639  7.957   1.00 75.39  ? 90  PRO A O   1 
ATOM   655 C  CB  . PRO A 1 90  ? -9.316  12.185  11.314  1.00 71.16  ? 90  PRO A CB  1 
ATOM   656 C  CG  . PRO A 1 90  ? -9.238  11.154  12.368  1.00 77.89  ? 90  PRO A CG  1 
ATOM   657 C  CD  . PRO A 1 90  ? -8.226  10.141  11.895  1.00 77.88  ? 90  PRO A CD  1 
ATOM   658 N  N   . LEU A 1 91  ? -7.186  12.650  9.278   1.00 70.76  ? 91  LEU A N   1 
ATOM   659 C  CA  . LEU A 1 91  ? -6.485  13.599  8.443   1.00 70.39  ? 91  LEU A CA  1 
ATOM   660 C  C   . LEU A 1 91  ? -6.040  12.939  7.147   1.00 74.60  ? 91  LEU A C   1 
ATOM   661 O  O   . LEU A 1 91  ? -6.148  13.531  6.066   1.00 74.50  ? 91  LEU A O   1 
ATOM   662 C  CB  . LEU A 1 91  ? -5.288  14.174  9.195   1.00 64.88  ? 91  LEU A CB  1 
ATOM   663 C  CG  . LEU A 1 91  ? -4.494  15.227  8.437   1.00 65.96  ? 91  LEU A CG  1 
ATOM   664 C  CD1 . LEU A 1 91  ? -5.434  16.293  7.930   1.00 67.27  ? 91  LEU A CD1 1 
ATOM   665 C  CD2 . LEU A 1 91  ? -3.424  15.831  9.327   1.00 71.25  ? 91  LEU A CD2 1 
ATOM   666 N  N   . LEU A 1 92  ? -5.555  11.706  7.254   1.00 69.32  ? 92  LEU A N   1 
ATOM   667 C  CA  . LEU A 1 92  ? -4.938  11.035  6.118   1.00 65.29  ? 92  LEU A CA  1 
ATOM   668 C  C   . LEU A 1 92  ? -5.980  10.411  5.219   1.00 63.72  ? 92  LEU A C   1 
ATOM   669 O  O   . LEU A 1 92  ? -5.921  10.539  3.991   1.00 61.89  ? 92  LEU A O   1 
ATOM   670 C  CB  . LEU A 1 92  ? -3.962  9.962   6.600   1.00 67.58  ? 92  LEU A CB  1 
ATOM   671 C  CG  . LEU A 1 92  ? -2.719  10.468  7.333   1.00 66.21  ? 92  LEU A CG  1 
ATOM   672 C  CD1 . LEU A 1 92  ? -1.858  9.310   7.804   1.00 67.33  ? 92  LEU A CD1 1 
ATOM   673 C  CD2 . LEU A 1 92  ? -1.923  11.381  6.434   1.00 66.09  ? 92  LEU A CD2 1 
ATOM   674 N  N   . GLY A 1 93  ? -6.938  9.737   5.846   1.00 66.90  ? 93  GLY A N   1 
ATOM   675 C  CA  . GLY A 1 93  ? -7.984  9.023   5.137   1.00 65.71  ? 93  GLY A CA  1 
ATOM   676 C  C   . GLY A 1 93  ? -8.755  9.879   4.150   1.00 62.56  ? 93  GLY A C   1 
ATOM   677 O  O   . GLY A 1 93  ? -9.262  9.368   3.156   1.00 65.37  ? 93  GLY A O   1 
ATOM   678 N  N   . SER A 1 94  ? -8.842  11.179  4.414   1.00 61.61  ? 94  SER A N   1 
ATOM   679 C  CA  . SER A 1 94  ? -9.573  12.095  3.540   1.00 60.27  ? 94  SER A CA  1 
ATOM   680 C  C   . SER A 1 94  ? -8.644  12.946  2.669   1.00 63.72  ? 94  SER A C   1 
ATOM   681 O  O   . SER A 1 94  ? -9.093  13.891  2.006   1.00 62.65  ? 94  SER A O   1 
ATOM   682 C  CB  . SER A 1 94  ? -10.466 13.013  4.376   1.00 58.94  ? 94  SER A CB  1 
ATOM   683 O  OG  . SER A 1 94  ? -9.684  13.905  5.154   1.00 70.02  ? 94  SER A OG  1 
ATOM   684 N  N   . SER A 1 95  ? -7.356  12.617  2.676   1.00 58.75  ? 95  SER A N   1 
ATOM   685 C  CA  . SER A 1 95  ? -6.374  13.425  1.970   1.00 57.84  ? 95  SER A CA  1 
ATOM   686 C  C   . SER A 1 95  ? -6.640  13.340  0.484   1.00 61.15  ? 95  SER A C   1 
ATOM   687 O  O   . SER A 1 95  ? -7.163  12.334  0.002   1.00 61.94  ? 95  SER A O   1 
ATOM   688 C  CB  . SER A 1 95  ? -4.970  12.898  2.235   1.00 61.22  ? 95  SER A CB  1 
ATOM   689 O  OG  . SER A 1 95  ? -4.593  11.974  1.224   1.00 64.23  ? 95  SER A OG  1 
ATOM   690 N  N   . GLU A 1 96  ? -6.262  14.368  -0.262  1.00 58.18  ? 96  GLU A N   1 
ATOM   691 C  CA  . GLU A 1 96  ? -6.349  14.243  -1.707  1.00 57.22  ? 96  GLU A CA  1 
ATOM   692 C  C   . GLU A 1 96  ? -5.359  13.219  -2.249  1.00 66.87  ? 96  GLU A C   1 
ATOM   693 O  O   . GLU A 1 96  ? -5.741  12.369  -3.051  1.00 68.41  ? 96  GLU A O   1 
ATOM   694 C  CB  . GLU A 1 96  ? -6.161  15.572  -2.425  1.00 58.97  ? 96  GLU A CB  1 
ATOM   695 C  CG  . GLU A 1 96  ? -5.997  15.385  -3.922  1.00 71.23  ? 96  GLU A CG  1 
ATOM   696 C  CD  . GLU A 1 96  ? -6.449  16.594  -4.729  1.00 90.96  ? 96  GLU A CD  1 
ATOM   697 O  OE1 . GLU A 1 96  ? -6.484  17.715  -4.162  1.00 80.70  ? 96  GLU A OE1 1 
ATOM   698 O  OE2 . GLU A 1 96  ? -6.769  16.413  -5.932  1.00 87.91  ? 96  GLU A OE2 1 
ATOM   699 N  N   . THR A 1 97  ? -4.097  13.283  -1.819  1.00 68.75  ? 97  THR A N   1 
ATOM   700 C  CA  . THR A 1 97  ? -3.077  12.423  -2.432  1.00 67.27  ? 97  THR A CA  1 
ATOM   701 C  C   . THR A 1 97  ? -3.346  10.949  -2.167  1.00 61.55  ? 97  THR A C   1 
ATOM   702 O  O   . THR A 1 97  ? -3.034  10.097  -3.000  1.00 61.51  ? 97  THR A O   1 
ATOM   703 C  CB  . THR A 1 97  ? -1.610  12.783  -2.038  1.00 72.42  ? 97  THR A CB  1 
ATOM   704 O  OG1 . THR A 1 97  ? -1.371  12.442  -0.668  1.00 72.81  ? 97  THR A OG1 1 
ATOM   705 C  CG2 . THR A 1 97  ? -1.310  14.271  -2.273  1.00 71.60  ? 97  THR A CG2 1 
ATOM   706 N  N   . PHE A 1 98  ? -3.937  10.638  -1.020  1.00 57.16  ? 98  PHE A N   1 
ATOM   707 C  CA  . PHE A 1 98  ? -4.304  9.252   -0.769  1.00 55.76  ? 98  PHE A CA  1 
ATOM   708 C  C   . PHE A 1 98  ? -5.454  8.824   -1.682  1.00 62.02  ? 98  PHE A C   1 
ATOM   709 O  O   . PHE A 1 98  ? -5.326  7.884   -2.466  1.00 58.86  ? 98  PHE A O   1 
ATOM   710 C  CB  . PHE A 1 98  ? -4.675  9.042   0.688   1.00 56.99  ? 98  PHE A CB  1 
ATOM   711 C  CG  . PHE A 1 98  ? -4.926  7.606   1.043   1.00 62.29  ? 98  PHE A CG  1 
ATOM   712 C  CD1 . PHE A 1 98  ? -3.888  6.689   1.055   1.00 54.74  ? 98  PHE A CD1 1 
ATOM   713 C  CD2 . PHE A 1 98  ? -6.200  7.170   1.376   1.00 60.66  ? 98  PHE A CD2 1 
ATOM   714 C  CE1 . PHE A 1 98  ? -4.112  5.363   1.392   1.00 47.31  ? 98  PHE A CE1 1 
ATOM   715 C  CE2 . PHE A 1 98  ? -6.429  5.847   1.716   1.00 60.55  ? 98  PHE A CE2 1 
ATOM   716 C  CZ  . PHE A 1 98  ? -5.380  4.944   1.725   1.00 51.90  ? 98  PHE A CZ  1 
ATOM   717 N  N   . ASN A 1 99  ? -6.572  9.539   -1.600  1.00 64.27  ? 99  ASN A N   1 
ATOM   718 C  CA  . ASN A 1 99  ? -7.747  9.194   -2.394  1.00 58.01  ? 99  ASN A CA  1 
ATOM   719 C  C   . ASN A 1 99  ? -7.542  9.210   -3.915  1.00 57.39  ? 99  ASN A C   1 
ATOM   720 O  O   . ASN A 1 99  ? -7.994  8.303   -4.613  1.00 60.33  ? 99  ASN A O   1 
ATOM   721 C  CB  . ASN A 1 99  ? -8.946  10.038  -1.969  1.00 54.15  ? 99  ASN A CB  1 
ATOM   722 C  CG  . ASN A 1 99  ? -9.455  9.653   -0.589  1.00 57.46  ? 99  ASN A CG  1 
ATOM   723 O  OD1 . ASN A 1 99  ? -9.553  10.489  0.313   1.00 59.44  ? 99  ASN A OD1 1 
ATOM   724 N  ND2 . ASN A 1 99  ? -9.757  8.376   -0.410  1.00 53.63  ? 99  ASN A ND2 1 
ATOM   725 N  N   . SER A 1 100 ? -6.853  10.217  -4.435  1.00 54.68  ? 100 SER A N   1 
ATOM   726 C  CA  . SER A 1 100 ? -6.555  10.218  -5.861  1.00 59.61  ? 100 SER A CA  1 
ATOM   727 C  C   . SER A 1 100 ? -5.709  9.004   -6.206  1.00 64.16  ? 100 SER A C   1 
ATOM   728 O  O   . SER A 1 100 ? -5.857  8.420   -7.281  1.00 62.65  ? 100 SER A O   1 
ATOM   729 C  CB  . SER A 1 100 ? -5.827  11.488  -6.268  1.00 61.58  ? 100 SER A CB  1 
ATOM   730 O  OG  . SER A 1 100 ? -4.923  11.863  -5.252  1.00 67.34  ? 100 SER A OG  1 
ATOM   731 N  N   . PHE A 1 101 ? -4.822  8.622   -5.290  1.00 61.23  ? 101 PHE A N   1 
ATOM   732 C  CA  . PHE A 1 101 ? -4.006  7.442   -5.514  1.00 60.27  ? 101 PHE A CA  1 
ATOM   733 C  C   . PHE A 1 101 ? -4.879  6.207   -5.625  1.00 63.44  ? 101 PHE A C   1 
ATOM   734 O  O   . PHE A 1 101 ? -4.676  5.377   -6.515  1.00 66.43  ? 101 PHE A O   1 
ATOM   735 C  CB  . PHE A 1 101 ? -2.986  7.231   -4.405  1.00 60.85  ? 101 PHE A CB  1 
ATOM   736 C  CG  . PHE A 1 101 ? -2.163  5.989   -4.586  1.00 57.80  ? 101 PHE A CG  1 
ATOM   737 C  CD1 . PHE A 1 101 ? -2.497  4.817   -3.927  1.00 62.48  ? 101 PHE A CD1 1 
ATOM   738 C  CD2 . PHE A 1 101 ? -1.073  5.985   -5.439  1.00 57.32  ? 101 PHE A CD2 1 
ATOM   739 C  CE1 . PHE A 1 101 ? -1.741  3.663   -4.099  1.00 59.68  ? 101 PHE A CE1 1 
ATOM   740 C  CE2 . PHE A 1 101 ? -0.317  4.846   -5.612  1.00 58.74  ? 101 PHE A CE2 1 
ATOM   741 C  CZ  . PHE A 1 101 ? -0.654  3.680   -4.943  1.00 58.42  ? 101 PHE A CZ  1 
ATOM   742 N  N   . LEU A 1 102 ? -5.848  6.086   -4.719  1.00 56.20  ? 102 LEU A N   1 
ATOM   743 C  CA  . LEU A 1 102 ? -6.789  4.973   -4.778  1.00 58.24  ? 102 LEU A CA  1 
ATOM   744 C  C   . LEU A 1 102 ? -7.560  4.954   -6.097  1.00 65.57  ? 102 LEU A C   1 
ATOM   745 O  O   . LEU A 1 102 ? -7.646  3.914   -6.765  1.00 66.71  ? 102 LEU A O   1 
ATOM   746 C  CB  . LEU A 1 102 ? -7.758  5.009   -3.600  1.00 57.46  ? 102 LEU A CB  1 
ATOM   747 C  CG  . LEU A 1 102 ? -7.172  4.497   -2.290  1.00 54.63  ? 102 LEU A CG  1 
ATOM   748 C  CD1 . LEU A 1 102 ? -8.266  4.259   -1.275  1.00 54.93  ? 102 LEU A CD1 1 
ATOM   749 C  CD2 . LEU A 1 102 ? -6.406  3.227   -2.548  1.00 49.65  ? 102 LEU A CD2 1 
ATOM   750 N  N   . ARG A 1 103 ? -8.117  6.102   -6.471  1.00 55.56  ? 103 ARG A N   1 
ATOM   751 C  CA  . ARG A 1 103 ? -8.851  6.199   -7.725  1.00 57.57  ? 103 ARG A CA  1 
ATOM   752 C  C   . ARG A 1 103 ? -7.989  5.761   -8.900  1.00 58.96  ? 103 ARG A C   1 
ATOM   753 O  O   . ARG A 1 103 ? -8.337  4.831   -9.613  1.00 69.55  ? 103 ARG A O   1 
ATOM   754 C  CB  . ARG A 1 103 ? -9.354  7.623   -7.949  1.00 64.16  ? 103 ARG A CB  1 
ATOM   755 C  CG  . ARG A 1 103 ? -10.260 8.149   -6.856  1.00 55.93  ? 103 ARG A CG  1 
ATOM   756 C  CD  . ARG A 1 103 ? -10.963 9.390   -7.322  1.00 50.22  ? 103 ARG A CD  1 
ATOM   757 N  NE  . ARG A 1 103 ? -10.071 10.531  -7.482  1.00 50.20  ? 103 ARG A NE  1 
ATOM   758 C  CZ  . ARG A 1 103 ? -9.747  11.359  -6.490  1.00 61.67  ? 103 ARG A CZ  1 
ATOM   759 N  NH1 . ARG A 1 103 ? -10.222 11.153  -5.260  1.00 53.50  ? 103 ARG A NH1 1 
ATOM   760 N  NH2 . ARG A 1 103 ? -8.940  12.390  -6.722  1.00 61.94  ? 103 ARG A NH2 1 
ATOM   761 N  N   . ARG A 1 104 ? -6.859  6.427   -9.098  1.00 58.86  ? 104 ARG A N   1 
ATOM   762 C  CA  . ARG A 1 104 ? -5.971  6.083   -10.199 1.00 65.57  ? 104 ARG A CA  1 
ATOM   763 C  C   . ARG A 1 104 ? -5.627  4.591   -10.241 1.00 67.70  ? 104 ARG A C   1 
ATOM   764 O  O   . ARG A 1 104 ? -5.726  3.964   -11.293 1.00 73.00  ? 104 ARG A O   1 
ATOM   765 C  CB  . ARG A 1 104 ? -4.690  6.918   -10.148 1.00 62.03  ? 104 ARG A CB  1 
ATOM   766 C  CG  . ARG A 1 104 ? -3.775  6.710   -11.345 1.00 61.39  ? 104 ARG A CG  1 
ATOM   767 C  CD  . ARG A 1 104 ? -4.234  7.497   -12.565 1.00 64.05  ? 104 ARG A CD  1 
ATOM   768 N  NE  . ARG A 1 104 ? -3.280  7.398   -13.672 1.00 69.06  ? 104 ARG A NE  1 
ATOM   769 C  CZ  . ARG A 1 104 ? -2.398  8.340   -14.010 1.00 65.15  ? 104 ARG A CZ  1 
ATOM   770 N  NH1 . ARG A 1 104 ? -2.327  9.482   -13.339 1.00 63.52  ? 104 ARG A NH1 1 
ATOM   771 N  NH2 . ARG A 1 104 ? -1.576  8.140   -15.028 1.00 65.05  ? 104 ARG A NH2 1 
ATOM   772 N  N   . ALA A 1 105 ? -5.227  4.018   -9.110  1.00 65.48  ? 105 ALA A N   1 
ATOM   773 C  CA  . ALA A 1 105 ? -4.833  2.603   -9.077  1.00 69.43  ? 105 ALA A CA  1 
ATOM   774 C  C   . ALA A 1 105 ? -5.976  1.649   -9.433  1.00 71.28  ? 105 ALA A C   1 
ATOM   775 O  O   . ALA A 1 105 ? -5.761  0.630   -10.088 1.00 69.67  ? 105 ALA A O   1 
ATOM   776 C  CB  . ALA A 1 105 ? -4.247  2.234   -7.725  1.00 58.82  ? 105 ALA A CB  1 
ATOM   777 N  N   . GLN A 1 106 ? -7.180  1.974   -8.974  1.00 70.10  ? 106 GLN A N   1 
ATOM   778 C  CA  . GLN A 1 106 ? -8.370  1.186   -9.275  1.00 72.15  ? 106 GLN A CA  1 
ATOM   779 C  C   . GLN A 1 106 ? -8.681  1.247   -10.764 1.00 76.61  ? 106 GLN A C   1 
ATOM   780 O  O   . GLN A 1 106 ? -8.949  0.227   -11.411 1.00 73.52  ? 106 GLN A O   1 
ATOM   781 C  CB  . GLN A 1 106 ? -9.557  1.728   -8.485  1.00 76.97  ? 106 GLN A CB  1 
ATOM   782 C  CG  . GLN A 1 106 ? -10.906 1.146   -8.883  1.00 84.15  ? 106 GLN A CG  1 
ATOM   783 C  CD  . GLN A 1 106 ? -11.994 1.468   -7.863  1.00 96.79  ? 106 GLN A CD  1 
ATOM   784 O  OE1 . GLN A 1 106 ? -11.811 2.326   -6.987  1.00 90.69  ? 106 GLN A OE1 1 
ATOM   785 N  NE2 . GLN A 1 106 ? -13.131 0.781   -7.970  1.00 95.96  ? 106 GLN A NE2 1 
ATOM   786 N  N   . GLN A 1 107 ? -8.644  2.463   -11.293 1.00 72.46  ? 107 GLN A N   1 
ATOM   787 C  CA  . GLN A 1 107 ? -8.830  2.704   -12.711 1.00 72.73  ? 107 GLN A CA  1 
ATOM   788 C  C   . GLN A 1 107 ? -7.718  2.034   -13.515 1.00 80.73  ? 107 GLN A C   1 
ATOM   789 O  O   . GLN A 1 107 ? -7.812  1.894   -14.733 1.00 85.81  ? 107 GLN A O   1 
ATOM   790 C  CB  . GLN A 1 107 ? -8.857  4.212   -12.967 1.00 71.73  ? 107 GLN A CB  1 
ATOM   791 C  CG  . GLN A 1 107 ? -8.314  4.634   -14.319 1.00 83.89  ? 107 GLN A CG  1 
ATOM   792 C  CD  . GLN A 1 107 ? -8.179  6.141   -14.440 1.00 99.45  ? 107 GLN A CD  1 
ATOM   793 O  OE1 . GLN A 1 107 ? -8.880  6.896   -13.756 1.00 96.15  ? 107 GLN A OE1 1 
ATOM   794 N  NE2 . GLN A 1 107 ? -7.274  6.589   -15.310 1.00 100.34 ? 107 GLN A NE2 1 
ATOM   795 N  N   . GLU A 1 108 ? -6.672  1.604   -12.819 1.00 82.44  ? 108 GLU A N   1 
ATOM   796 C  CA  . GLU A 1 108 ? -5.492  1.041   -13.467 1.00 82.20  ? 108 GLU A CA  1 
ATOM   797 C  C   . GLU A 1 108 ? -5.599  -0.476  -13.617 1.00 81.67  ? 108 GLU A C   1 
ATOM   798 O  O   . GLU A 1 108 ? -4.872  -1.081  -14.405 1.00 83.95  ? 108 GLU A O   1 
ATOM   799 C  CB  . GLU A 1 108 ? -4.237  1.396   -12.654 1.00 78.55  ? 108 GLU A CB  1 
ATOM   800 C  CG  . GLU A 1 108 ? -2.920  1.336   -13.420 1.00 73.73  ? 108 GLU A CG  1 
ATOM   801 C  CD  . GLU A 1 108 ? -2.597  2.644   -14.130 1.00 79.77  ? 108 GLU A CD  1 
ATOM   802 O  OE1 . GLU A 1 108 ? -3.498  3.506   -14.255 1.00 74.81  ? 108 GLU A OE1 1 
ATOM   803 O  OE2 . GLU A 1 108 ? -1.434  2.812   -14.558 1.00 76.61  ? 108 GLU A OE2 1 
ATOM   804 N  N   . ALA A 1 109 ? -6.508  -1.085  -12.859 1.00 77.01  ? 109 ALA A N   1 
ATOM   805 C  CA  . ALA A 1 109 ? -6.596  -2.542  -12.769 1.00 82.84  ? 109 ALA A CA  1 
ATOM   806 C  C   . ALA A 1 109 ? -7.222  -3.178  -14.013 1.00 94.26  ? 109 ALA A C   1 
ATOM   807 O  O   . ALA A 1 109 ? -7.894  -4.210  -13.923 1.00 82.40  ? 109 ALA A O   1 
ATOM   808 C  CB  . ALA A 1 109 ? -7.371  -2.941  -11.512 1.00 73.85  ? 109 ALA A CB  1 
ATOM   809 N  N   . HIS A 1 110 ? -6.986  -2.559  -15.170 1.00 107.52 ? 110 HIS A N   1 
ATOM   810 C  CA  . HIS A 1 110 ? -7.645  -2.936  -16.424 1.00 107.21 ? 110 HIS A CA  1 
ATOM   811 C  C   . HIS A 1 110 ? -9.164  -3.069  -16.258 1.00 99.58  ? 110 HIS A C   1 
ATOM   812 O  O   . HIS A 1 110 ? -9.835  -2.144  -15.787 1.00 89.03  ? 110 HIS A O   1 
ATOM   813 C  CB  . HIS A 1 110 ? -7.045  -4.223  -17.004 1.00 106.83 ? 110 HIS A CB  1 
ATOM   814 C  CG  . HIS A 1 110 ? -5.895  -3.993  -17.939 1.00 119.52 ? 110 HIS A CG  1 
ATOM   815 N  ND1 . HIS A 1 110 ? -6.070  -3.690  -19.273 1.00 126.28 ? 110 HIS A ND1 1 
ATOM   816 C  CD2 . HIS A 1 110 ? -4.556  -4.038  -17.738 1.00 122.86 ? 110 HIS A CD2 1 
ATOM   817 C  CE1 . HIS A 1 110 ? -4.890  -3.553  -19.851 1.00 128.56 ? 110 HIS A CE1 1 
ATOM   818 N  NE2 . HIS A 1 110 ? -3.954  -3.760  -18.941 1.00 128.81 ? 110 HIS A NE2 1 
HETATM 819 NA NA  . NA  B 2 .   ? 8.790   -2.912  -6.300  1.00 60.99  ? 123 NA  A NA  1 
# 
loop_
_pdbx_poly_seq_scheme.asym_id 
_pdbx_poly_seq_scheme.entity_id 
_pdbx_poly_seq_scheme.seq_id 
_pdbx_poly_seq_scheme.mon_id 
_pdbx_poly_seq_scheme.ndb_seq_num 
_pdbx_poly_seq_scheme.pdb_seq_num 
_pdbx_poly_seq_scheme.auth_seq_num 
_pdbx_poly_seq_scheme.pdb_mon_id 
_pdbx_poly_seq_scheme.auth_mon_id 
_pdbx_poly_seq_scheme.pdb_strand_id 
_pdbx_poly_seq_scheme.pdb_ins_code 
_pdbx_poly_seq_scheme.hetero 
A 1 1   MET 1   1   ?   ?   ?   A . n 
A 1 2   HIS 2   2   2   HIS HIS A . n 
A 1 3   PHE 3   3   3   PHE PHE A . n 
A 1 4   SER 4   4   4   SER SER A . n 
A 1 5   ILE 5   5   5   ILE ILE A . n 
A 1 6   PRO 6   6   6   PRO PRO A . n 
A 1 7   GLU 7   7   7   GLU GLU A . n 
A 1 8   THR 8   8   8   THR THR A . n 
A 1 9   GLU 9   9   9   GLU GLU A . n 
A 1 10  SER 10  10  10  SER SER A . n 
A 1 11  ARG 11  11  11  ARG ARG A . n 
A 1 12  SER 12  12  ?   ?   ?   A . n 
A 1 13  GLY 13  13  ?   ?   ?   A . n 
A 1 14  ASP 14  14  ?   ?   ?   A . n 
A 1 15  SER 15  15  ?   ?   ?   A . n 
A 1 16  GLY 16  16  ?   ?   ?   A . n 
A 1 17  GLY 17  17  ?   ?   ?   A . n 
A 1 18  SER 18  18  ?   ?   ?   A . n 
A 1 19  ALA 19  19  19  ALA ALA A . n 
A 1 20  TYR 20  20  20  TYR TYR A . n 
A 1 21  VAL 21  21  21  VAL VAL A . n 
A 1 22  ALA 22  22  22  ALA ALA A . n 
A 1 23  TYR 23  23  23  TYR TYR A . n 
A 1 24  ASN 24  24  24  ASN ASN A . n 
A 1 25  ILE 25  25  25  ILE ILE A . n 
A 1 26  HIS 26  26  26  HIS HIS A . n 
A 1 27  VAL 27  27  27  VAL VAL A . n 
A 1 28  ASN 28  28  28  ASN ASN A . n 
A 1 29  GLY 29  29  29  GLY ALA A . n 
A 1 30  VAL 30  30  30  VAL VAL A . n 
A 1 31  LEU 31  31  31  LEU LEU A . n 
A 1 32  HIS 32  32  32  HIS HIS A . n 
A 1 33  CYS 33  33  33  CYS CYS A . n 
A 1 34  ARG 34  34  34  ARG ARG A . n 
A 1 35  VAL 35  35  35  VAL VAL A . n 
A 1 36  ARG 36  36  36  ARG ARG A . n 
A 1 37  TYR 37  37  37  TYR TYR A . n 
A 1 38  SER 38  38  38  SER SER A . n 
A 1 39  GLN 39  39  39  GLN GLN A . n 
A 1 40  LEU 40  40  40  LEU LEU A . n 
A 1 41  LEU 41  41  41  LEU LEU A . n 
A 1 42  GLY 42  42  42  GLY GLY A . n 
A 1 43  LEU 43  43  43  LEU LEU A . n 
A 1 44  HIS 44  44  44  HIS HIS A . n 
A 1 45  GLU 45  45  45  GLU GLU A . n 
A 1 46  GLN 46  46  46  GLN GLN A . n 
A 1 47  LEU 47  47  47  LEU LEU A . n 
A 1 48  ARG 48  48  48  ARG ARG A . n 
A 1 49  LYS 49  49  49  LYS LYS A . n 
A 1 50  GLU 50  50  50  GLU GLU A . n 
A 1 51  TYR 51  51  51  TYR TYR A . n 
A 1 52  GLY 52  52  52  GLY GLY A . n 
A 1 53  ALA 53  53  53  ALA ALA A . n 
A 1 54  ASN 54  54  54  ASN ASN A . n 
A 1 55  VAL 55  55  55  VAL VAL A . n 
A 1 56  LEU 56  56  56  LEU LEU A . n 
A 1 57  PRO 57  57  57  PRO PRO A . n 
A 1 58  ALA 58  58  58  ALA ALA A . n 
A 1 59  PHE 59  59  59  PHE PHE A . n 
A 1 60  PRO 60  60  60  PRO PRO A . n 
A 1 61  PRO 61  61  61  PRO PRO A . n 
A 1 62  LYS 62  62  62  LYS LYS A . n 
A 1 63  LYS 63  63  63  LYS LYS A . n 
A 1 64  LEU 64  64  64  LEU LEU A . n 
A 1 65  PHE 65  65  65  PHE PHE A . n 
A 1 66  SER 66  66  66  SER SER A . n 
A 1 67  LEU 67  67  67  LEU LEU A . n 
A 1 68  THR 68  68  68  THR THR A . n 
A 1 69  PRO 69  69  69  PRO PRO A . n 
A 1 70  ALA 70  70  70  ALA ALA A . n 
A 1 71  GLU 71  71  71  GLU GLU A . n 
A 1 72  VAL 72  72  72  VAL VAL A . n 
A 1 73  GLU 73  73  73  GLU GLU A . n 
A 1 74  GLN 74  74  74  GLN GLN A . n 
A 1 75  ARG 75  75  75  ARG ARG A . n 
A 1 76  ARG 76  76  76  ARG ARG A . n 
A 1 77  GLU 77  77  77  GLU GLU A . n 
A 1 78  GLN 78  78  78  GLN GLN A . n 
A 1 79  LEU 79  79  79  LEU LEU A . n 
A 1 80  GLU 80  80  80  GLU GLU A . n 
A 1 81  LYS 81  81  81  LYS LYS A . n 
A 1 82  TYR 82  82  82  TYR TYR A . n 
A 1 83  MET 83  83  83  MET MET A . n 
A 1 84  GLN 84  84  84  GLN GLN A . n 
A 1 85  ALA 85  85  85  ALA ALA A . n 
A 1 86  VAL 86  86  86  VAL VAL A . n 
A 1 87  ARG 87  87  87  ARG ARG A . n 
A 1 88  GLN 88  88  88  GLN GLN A . n 
A 1 89  ASP 89  89  89  ASP ASP A . n 
A 1 90  PRO 90  90  90  PRO PRO A . n 
A 1 91  LEU 91  91  91  LEU LEU A . n 
A 1 92  LEU 92  92  92  LEU LEU A . n 
A 1 93  GLY 93  93  93  GLY GLY A . n 
A 1 94  SER 94  94  94  SER SER A . n 
A 1 95  SER 95  95  95  SER SER A . n 
A 1 96  GLU 96  96  96  GLU GLU A . n 
A 1 97  THR 97  97  97  THR THR A . n 
A 1 98  PHE 98  98  98  PHE PHE A . n 
A 1 99  ASN 99  99  99  ASN ASN A . n 
A 1 100 SER 100 100 100 SER SER A . n 
A 1 101 PHE 101 101 101 PHE PHE A . n 
A 1 102 LEU 102 102 102 LEU LEU A . n 
A 1 103 ARG 103 103 103 ARG ARG A . n 
A 1 104 ARG 104 104 104 ARG ARG A . n 
A 1 105 ALA 105 105 105 ALA ALA A . n 
A 1 106 GLN 106 106 106 GLN GLN A . n 
A 1 107 GLN 107 107 107 GLN GLN A . n 
A 1 108 GLU 108 108 108 GLU GLU A . n 
A 1 109 ALA 109 109 109 ALA ALA A . n 
A 1 110 HIS 110 110 110 HIS HIS A . n 
A 1 111 HIS 111 111 ?   ?   ?   A . n 
A 1 112 HIS 112 112 ?   ?   ?   A . n 
A 1 113 HIS 113 113 ?   ?   ?   A . n 
A 1 114 HIS 114 114 ?   ?   ?   A . n 
A 1 115 HIS 115 115 ?   ?   ?   A . n 
# 
_pdbx_SG_project.id                    1 
_pdbx_SG_project.project_name          ? 
_pdbx_SG_project.full_name_of_center   'Structural Genomics Consortium' 
_pdbx_SG_project.initial_of_center     SGC 
# 
_pdbx_nonpoly_scheme.asym_id         B 
_pdbx_nonpoly_scheme.entity_id       2 
_pdbx_nonpoly_scheme.mon_id          NA 
_pdbx_nonpoly_scheme.ndb_seq_num     1 
_pdbx_nonpoly_scheme.pdb_seq_num     123 
_pdbx_nonpoly_scheme.auth_seq_num    1 
_pdbx_nonpoly_scheme.pdb_mon_id      NA 
_pdbx_nonpoly_scheme.auth_mon_id     NA 
_pdbx_nonpoly_scheme.pdb_strand_id   A 
_pdbx_nonpoly_scheme.pdb_ins_code    . 
# 
_pdbx_struct_assembly.id                   1 
_pdbx_struct_assembly.details              author_and_software_defined_assembly 
_pdbx_struct_assembly.method_details       PISA 
_pdbx_struct_assembly.oligomeric_details   monomeric 
_pdbx_struct_assembly.oligomeric_count     1 
# 
_pdbx_struct_assembly_gen.assembly_id       1 
_pdbx_struct_assembly_gen.oper_expression   1 
_pdbx_struct_assembly_gen.asym_id_list      A,B 
# 
_pdbx_struct_oper_list.id                   1 
_pdbx_struct_oper_list.type                 'identity operation' 
_pdbx_struct_oper_list.name                 1_555 
_pdbx_struct_oper_list.symmetry_operation   x,y,z 
_pdbx_struct_oper_list.matrix[1][1]         1.0000000000 
_pdbx_struct_oper_list.matrix[1][2]         0.0000000000 
_pdbx_struct_oper_list.matrix[1][3]         0.0000000000 
_pdbx_struct_oper_list.vector[1]            0.0000000000 
_pdbx_struct_oper_list.matrix[2][1]         0.0000000000 
_pdbx_struct_oper_list.matrix[2][2]         1.0000000000 
_pdbx_struct_oper_list.matrix[2][3]         0.0000000000 
_pdbx_struct_oper_list.vector[2]            0.0000000000 
_pdbx_struct_oper_list.matrix[3][1]         0.0000000000 
_pdbx_struct_oper_list.matrix[3][2]         0.0000000000 
_pdbx_struct_oper_list.matrix[3][3]         1.0000000000 
_pdbx_struct_oper_list.vector[3]            0.0000000000 
# 
loop_
_pdbx_audit_revision_history.ordinal 
_pdbx_audit_revision_history.data_content_type 
_pdbx_audit_revision_history.major_revision 
_pdbx_audit_revision_history.minor_revision 
_pdbx_audit_revision_history.revision_date 
1 'Structure model' 1 0 2009-01-27 
2 'Structure model' 1 1 2011-07-13 
3 'Structure model' 1 2 2023-11-01 
# 
_pdbx_audit_revision_details.ordinal             1 
_pdbx_audit_revision_details.revision_ordinal    1 
_pdbx_audit_revision_details.data_content_type   'Structure model' 
_pdbx_audit_revision_details.provider            repository 
_pdbx_audit_revision_details.type                'Initial release' 
_pdbx_audit_revision_details.description         ? 
_pdbx_audit_revision_details.details             ? 
# 
loop_
_pdbx_audit_revision_group.ordinal 
_pdbx_audit_revision_group.revision_ordinal 
_pdbx_audit_revision_group.data_content_type 
_pdbx_audit_revision_group.group 
1 2 'Structure model' 'Version format compliance' 
2 3 'Structure model' 'Data collection'           
3 3 'Structure model' 'Database references'       
4 3 'Structure model' 'Derived calculations'      
5 3 'Structure model' 'Refinement description'    
# 
loop_
_pdbx_audit_revision_category.ordinal 
_pdbx_audit_revision_category.revision_ordinal 
_pdbx_audit_revision_category.data_content_type 
_pdbx_audit_revision_category.category 
1 3 'Structure model' chem_comp_atom                
2 3 'Structure model' chem_comp_bond                
3 3 'Structure model' database_2                    
4 3 'Structure model' pdbx_initial_refinement_model 
5 3 'Structure model' struct_ref_seq_dif            
6 3 'Structure model' struct_site                   
# 
loop_
_pdbx_audit_revision_item.ordinal 
_pdbx_audit_revision_item.revision_ordinal 
_pdbx_audit_revision_item.data_content_type 
_pdbx_audit_revision_item.item 
1 3 'Structure model' '_database_2.pdbx_DOI'                
2 3 'Structure model' '_database_2.pdbx_database_accession' 
3 3 'Structure model' '_struct_ref_seq_dif.details'         
4 3 'Structure model' '_struct_site.pdbx_auth_asym_id'      
5 3 'Structure model' '_struct_site.pdbx_auth_comp_id'      
6 3 'Structure model' '_struct_site.pdbx_auth_seq_id'       
# 
loop_
_software.name 
_software.classification 
_software.version 
_software.citation_id 
_software.pdbx_ordinal 
MxCuBE 'data collection' .                 ? 1 
MOLREP phasing           .                 ? 2 
PHENIX refinement        '(phenix.refine)' ? 3 
XDS    'data reduction'  .                 ? 4 
XSCALE 'data scaling'    .                 ? 5 
# 
loop_
_pdbx_validate_torsion.id 
_pdbx_validate_torsion.PDB_model_num 
_pdbx_validate_torsion.auth_comp_id 
_pdbx_validate_torsion.auth_asym_id 
_pdbx_validate_torsion.auth_seq_id 
_pdbx_validate_torsion.PDB_ins_code 
_pdbx_validate_torsion.label_alt_id 
_pdbx_validate_torsion.phi 
_pdbx_validate_torsion.psi 
1 1 GLU A 9   ? ? -151.81 -148.85 
2 1 HIS A 32  ? ? -130.27 -47.19  
3 1 GLU A 50  ? ? 81.17   -29.90  
4 1 VAL A 55  ? ? 83.73   -42.24  
5 1 ALA A 109 ? ? -75.17  32.55   
# 
loop_
_pdbx_unobs_or_zero_occ_atoms.id 
_pdbx_unobs_or_zero_occ_atoms.PDB_model_num 
_pdbx_unobs_or_zero_occ_atoms.polymer_flag 
_pdbx_unobs_or_zero_occ_atoms.occupancy_flag 
_pdbx_unobs_or_zero_occ_atoms.auth_asym_id 
_pdbx_unobs_or_zero_occ_atoms.auth_comp_id 
_pdbx_unobs_or_zero_occ_atoms.auth_seq_id 
_pdbx_unobs_or_zero_occ_atoms.PDB_ins_code 
_pdbx_unobs_or_zero_occ_atoms.auth_atom_id 
_pdbx_unobs_or_zero_occ_atoms.label_alt_id 
_pdbx_unobs_or_zero_occ_atoms.label_asym_id 
_pdbx_unobs_or_zero_occ_atoms.label_comp_id 
_pdbx_unobs_or_zero_occ_atoms.label_seq_id 
_pdbx_unobs_or_zero_occ_atoms.label_atom_id 
1  1 Y 1 A GLU 7  ? CG  ? A GLU 7  CG  
2  1 Y 1 A GLU 7  ? CD  ? A GLU 7  CD  
3  1 Y 1 A GLU 7  ? OE1 ? A GLU 7  OE1 
4  1 Y 1 A GLU 7  ? OE2 ? A GLU 7  OE2 
5  1 Y 1 A ARG 11 ? CZ  ? A ARG 11 CZ  
6  1 Y 1 A ARG 11 ? NH1 ? A ARG 11 NH1 
7  1 Y 1 A ARG 11 ? NH2 ? A ARG 11 NH2 
8  1 Y 1 A LYS 81 ? CG  ? A LYS 81 CG  
9  1 Y 1 A LYS 81 ? CD  ? A LYS 81 CD  
10 1 Y 1 A LYS 81 ? CE  ? A LYS 81 CE  
11 1 Y 1 A LYS 81 ? NZ  ? A LYS 81 NZ  
12 1 Y 1 A ARG 87 ? CD  ? A ARG 87 CD  
13 1 Y 1 A ARG 87 ? NE  ? A ARG 87 NE  
14 1 Y 1 A ARG 87 ? CZ  ? A ARG 87 CZ  
15 1 Y 1 A ARG 87 ? NH1 ? A ARG 87 NH1 
16 1 Y 1 A ARG 87 ? NH2 ? A ARG 87 NH2 
17 1 Y 1 A GLN 88 ? CG  ? A GLN 88 CG  
18 1 Y 1 A GLN 88 ? CD  ? A GLN 88 CD  
19 1 Y 1 A GLN 88 ? OE1 ? A GLN 88 OE1 
20 1 Y 1 A GLN 88 ? NE2 ? A GLN 88 NE2 
# 
loop_
_pdbx_unobs_or_zero_occ_residues.id 
_pdbx_unobs_or_zero_occ_residues.PDB_model_num 
_pdbx_unobs_or_zero_occ_residues.polymer_flag 
_pdbx_unobs_or_zero_occ_residues.occupancy_flag 
_pdbx_unobs_or_zero_occ_residues.auth_asym_id 
_pdbx_unobs_or_zero_occ_residues.auth_comp_id 
_pdbx_unobs_or_zero_occ_residues.auth_seq_id 
_pdbx_unobs_or_zero_occ_residues.PDB_ins_code 
_pdbx_unobs_or_zero_occ_residues.label_asym_id 
_pdbx_unobs_or_zero_occ_residues.label_comp_id 
_pdbx_unobs_or_zero_occ_residues.label_seq_id 
1  1 Y 1 A MET 1   ? A MET 1   
2  1 Y 1 A SER 12  ? A SER 12  
3  1 Y 1 A GLY 13  ? A GLY 13  
4  1 Y 1 A ASP 14  ? A ASP 14  
5  1 Y 1 A SER 15  ? A SER 15  
6  1 Y 1 A GLY 16  ? A GLY 16  
7  1 Y 1 A GLY 17  ? A GLY 17  
8  1 Y 1 A SER 18  ? A SER 18  
9  1 Y 1 A HIS 111 ? A HIS 111 
10 1 Y 1 A HIS 112 ? A HIS 112 
11 1 Y 1 A HIS 113 ? A HIS 113 
12 1 Y 1 A HIS 114 ? A HIS 114 
13 1 Y 1 A HIS 115 ? A HIS 115 
# 
loop_
_chem_comp_atom.comp_id 
_chem_comp_atom.atom_id 
_chem_comp_atom.type_symbol 
_chem_comp_atom.pdbx_aromatic_flag 
_chem_comp_atom.pdbx_stereo_config 
_chem_comp_atom.pdbx_ordinal 
ALA N    N  N N 1   
ALA CA   C  N S 2   
ALA C    C  N N 3   
ALA O    O  N N 4   
ALA CB   C  N N 5   
ALA OXT  O  N N 6   
ALA H    H  N N 7   
ALA H2   H  N N 8   
ALA HA   H  N N 9   
ALA HB1  H  N N 10  
ALA HB2  H  N N 11  
ALA HB3  H  N N 12  
ALA HXT  H  N N 13  
ARG N    N  N N 14  
ARG CA   C  N S 15  
ARG C    C  N N 16  
ARG O    O  N N 17  
ARG CB   C  N N 18  
ARG CG   C  N N 19  
ARG CD   C  N N 20  
ARG NE   N  N N 21  
ARG CZ   C  N N 22  
ARG NH1  N  N N 23  
ARG NH2  N  N N 24  
ARG OXT  O  N N 25  
ARG H    H  N N 26  
ARG H2   H  N N 27  
ARG HA   H  N N 28  
ARG HB2  H  N N 29  
ARG HB3  H  N N 30  
ARG HG2  H  N N 31  
ARG HG3  H  N N 32  
ARG HD2  H  N N 33  
ARG HD3  H  N N 34  
ARG HE   H  N N 35  
ARG HH11 H  N N 36  
ARG HH12 H  N N 37  
ARG HH21 H  N N 38  
ARG HH22 H  N N 39  
ARG HXT  H  N N 40  
ASN N    N  N N 41  
ASN CA   C  N S 42  
ASN C    C  N N 43  
ASN O    O  N N 44  
ASN CB   C  N N 45  
ASN CG   C  N N 46  
ASN OD1  O  N N 47  
ASN ND2  N  N N 48  
ASN OXT  O  N N 49  
ASN H    H  N N 50  
ASN H2   H  N N 51  
ASN HA   H  N N 52  
ASN HB2  H  N N 53  
ASN HB3  H  N N 54  
ASN HD21 H  N N 55  
ASN HD22 H  N N 56  
ASN HXT  H  N N 57  
ASP N    N  N N 58  
ASP CA   C  N S 59  
ASP C    C  N N 60  
ASP O    O  N N 61  
ASP CB   C  N N 62  
ASP CG   C  N N 63  
ASP OD1  O  N N 64  
ASP OD2  O  N N 65  
ASP OXT  O  N N 66  
ASP H    H  N N 67  
ASP H2   H  N N 68  
ASP HA   H  N N 69  
ASP HB2  H  N N 70  
ASP HB3  H  N N 71  
ASP HD2  H  N N 72  
ASP HXT  H  N N 73  
CYS N    N  N N 74  
CYS CA   C  N R 75  
CYS C    C  N N 76  
CYS O    O  N N 77  
CYS CB   C  N N 78  
CYS SG   S  N N 79  
CYS OXT  O  N N 80  
CYS H    H  N N 81  
CYS H2   H  N N 82  
CYS HA   H  N N 83  
CYS HB2  H  N N 84  
CYS HB3  H  N N 85  
CYS HG   H  N N 86  
CYS HXT  H  N N 87  
GLN N    N  N N 88  
GLN CA   C  N S 89  
GLN C    C  N N 90  
GLN O    O  N N 91  
GLN CB   C  N N 92  
GLN CG   C  N N 93  
GLN CD   C  N N 94  
GLN OE1  O  N N 95  
GLN NE2  N  N N 96  
GLN OXT  O  N N 97  
GLN H    H  N N 98  
GLN H2   H  N N 99  
GLN HA   H  N N 100 
GLN HB2  H  N N 101 
GLN HB3  H  N N 102 
GLN HG2  H  N N 103 
GLN HG3  H  N N 104 
GLN HE21 H  N N 105 
GLN HE22 H  N N 106 
GLN HXT  H  N N 107 
GLU N    N  N N 108 
GLU CA   C  N S 109 
GLU C    C  N N 110 
GLU O    O  N N 111 
GLU CB   C  N N 112 
GLU CG   C  N N 113 
GLU CD   C  N N 114 
GLU OE1  O  N N 115 
GLU OE2  O  N N 116 
GLU OXT  O  N N 117 
GLU H    H  N N 118 
GLU H2   H  N N 119 
GLU HA   H  N N 120 
GLU HB2  H  N N 121 
GLU HB3  H  N N 122 
GLU HG2  H  N N 123 
GLU HG3  H  N N 124 
GLU HE2  H  N N 125 
GLU HXT  H  N N 126 
GLY N    N  N N 127 
GLY CA   C  N N 128 
GLY C    C  N N 129 
GLY O    O  N N 130 
GLY OXT  O  N N 131 
GLY H    H  N N 132 
GLY H2   H  N N 133 
GLY HA2  H  N N 134 
GLY HA3  H  N N 135 
GLY HXT  H  N N 136 
HIS N    N  N N 137 
HIS CA   C  N S 138 
HIS C    C  N N 139 
HIS O    O  N N 140 
HIS CB   C  N N 141 
HIS CG   C  Y N 142 
HIS ND1  N  Y N 143 
HIS CD2  C  Y N 144 
HIS CE1  C  Y N 145 
HIS NE2  N  Y N 146 
HIS OXT  O  N N 147 
HIS H    H  N N 148 
HIS H2   H  N N 149 
HIS HA   H  N N 150 
HIS HB2  H  N N 151 
HIS HB3  H  N N 152 
HIS HD1  H  N N 153 
HIS HD2  H  N N 154 
HIS HE1  H  N N 155 
HIS HE2  H  N N 156 
HIS HXT  H  N N 157 
ILE N    N  N N 158 
ILE CA   C  N S 159 
ILE C    C  N N 160 
ILE O    O  N N 161 
ILE CB   C  N S 162 
ILE CG1  C  N N 163 
ILE CG2  C  N N 164 
ILE CD1  C  N N 165 
ILE OXT  O  N N 166 
ILE H    H  N N 167 
ILE H2   H  N N 168 
ILE HA   H  N N 169 
ILE HB   H  N N 170 
ILE HG12 H  N N 171 
ILE HG13 H  N N 172 
ILE HG21 H  N N 173 
ILE HG22 H  N N 174 
ILE HG23 H  N N 175 
ILE HD11 H  N N 176 
ILE HD12 H  N N 177 
ILE HD13 H  N N 178 
ILE HXT  H  N N 179 
LEU N    N  N N 180 
LEU CA   C  N S 181 
LEU C    C  N N 182 
LEU O    O  N N 183 
LEU CB   C  N N 184 
LEU CG   C  N N 185 
LEU CD1  C  N N 186 
LEU CD2  C  N N 187 
LEU OXT  O  N N 188 
LEU H    H  N N 189 
LEU H2   H  N N 190 
LEU HA   H  N N 191 
LEU HB2  H  N N 192 
LEU HB3  H  N N 193 
LEU HG   H  N N 194 
LEU HD11 H  N N 195 
LEU HD12 H  N N 196 
LEU HD13 H  N N 197 
LEU HD21 H  N N 198 
LEU HD22 H  N N 199 
LEU HD23 H  N N 200 
LEU HXT  H  N N 201 
LYS N    N  N N 202 
LYS CA   C  N S 203 
LYS C    C  N N 204 
LYS O    O  N N 205 
LYS CB   C  N N 206 
LYS CG   C  N N 207 
LYS CD   C  N N 208 
LYS CE   C  N N 209 
LYS NZ   N  N N 210 
LYS OXT  O  N N 211 
LYS H    H  N N 212 
LYS H2   H  N N 213 
LYS HA   H  N N 214 
LYS HB2  H  N N 215 
LYS HB3  H  N N 216 
LYS HG2  H  N N 217 
LYS HG3  H  N N 218 
LYS HD2  H  N N 219 
LYS HD3  H  N N 220 
LYS HE2  H  N N 221 
LYS HE3  H  N N 222 
LYS HZ1  H  N N 223 
LYS HZ2  H  N N 224 
LYS HZ3  H  N N 225 
LYS HXT  H  N N 226 
MET N    N  N N 227 
MET CA   C  N S 228 
MET C    C  N N 229 
MET O    O  N N 230 
MET CB   C  N N 231 
MET CG   C  N N 232 
MET SD   S  N N 233 
MET CE   C  N N 234 
MET OXT  O  N N 235 
MET H    H  N N 236 
MET H2   H  N N 237 
MET HA   H  N N 238 
MET HB2  H  N N 239 
MET HB3  H  N N 240 
MET HG2  H  N N 241 
MET HG3  H  N N 242 
MET HE1  H  N N 243 
MET HE2  H  N N 244 
MET HE3  H  N N 245 
MET HXT  H  N N 246 
NA  NA   NA N N 247 
PHE N    N  N N 248 
PHE CA   C  N S 249 
PHE C    C  N N 250 
PHE O    O  N N 251 
PHE CB   C  N N 252 
PHE CG   C  Y N 253 
PHE CD1  C  Y N 254 
PHE CD2  C  Y N 255 
PHE CE1  C  Y N 256 
PHE CE2  C  Y N 257 
PHE CZ   C  Y N 258 
PHE OXT  O  N N 259 
PHE H    H  N N 260 
PHE H2   H  N N 261 
PHE HA   H  N N 262 
PHE HB2  H  N N 263 
PHE HB3  H  N N 264 
PHE HD1  H  N N 265 
PHE HD2  H  N N 266 
PHE HE1  H  N N 267 
PHE HE2  H  N N 268 
PHE HZ   H  N N 269 
PHE HXT  H  N N 270 
PRO N    N  N N 271 
PRO CA   C  N S 272 
PRO C    C  N N 273 
PRO O    O  N N 274 
PRO CB   C  N N 275 
PRO CG   C  N N 276 
PRO CD   C  N N 277 
PRO OXT  O  N N 278 
PRO H    H  N N 279 
PRO HA   H  N N 280 
PRO HB2  H  N N 281 
PRO HB3  H  N N 282 
PRO HG2  H  N N 283 
PRO HG3  H  N N 284 
PRO HD2  H  N N 285 
PRO HD3  H  N N 286 
PRO HXT  H  N N 287 
SER N    N  N N 288 
SER CA   C  N S 289 
SER C    C  N N 290 
SER O    O  N N 291 
SER CB   C  N N 292 
SER OG   O  N N 293 
SER OXT  O  N N 294 
SER H    H  N N 295 
SER H2   H  N N 296 
SER HA   H  N N 297 
SER HB2  H  N N 298 
SER HB3  H  N N 299 
SER HG   H  N N 300 
SER HXT  H  N N 301 
THR N    N  N N 302 
THR CA   C  N S 303 
THR C    C  N N 304 
THR O    O  N N 305 
THR CB   C  N R 306 
THR OG1  O  N N 307 
THR CG2  C  N N 308 
THR OXT  O  N N 309 
THR H    H  N N 310 
THR H2   H  N N 311 
THR HA   H  N N 312 
THR HB   H  N N 313 
THR HG1  H  N N 314 
THR HG21 H  N N 315 
THR HG22 H  N N 316 
THR HG23 H  N N 317 
THR HXT  H  N N 318 
TYR N    N  N N 319 
TYR CA   C  N S 320 
TYR C    C  N N 321 
TYR O    O  N N 322 
TYR CB   C  N N 323 
TYR CG   C  Y N 324 
TYR CD1  C  Y N 325 
TYR CD2  C  Y N 326 
TYR CE1  C  Y N 327 
TYR CE2  C  Y N 328 
TYR CZ   C  Y N 329 
TYR OH   O  N N 330 
TYR OXT  O  N N 331 
TYR H    H  N N 332 
TYR H2   H  N N 333 
TYR HA   H  N N 334 
TYR HB2  H  N N 335 
TYR HB3  H  N N 336 
TYR HD1  H  N N 337 
TYR HD2  H  N N 338 
TYR HE1  H  N N 339 
TYR HE2  H  N N 340 
TYR HH   H  N N 341 
TYR HXT  H  N N 342 
VAL N    N  N N 343 
VAL CA   C  N S 344 
VAL C    C  N N 345 
VAL O    O  N N 346 
VAL CB   C  N N 347 
VAL CG1  C  N N 348 
VAL CG2  C  N N 349 
VAL OXT  O  N N 350 
VAL H    H  N N 351 
VAL H2   H  N N 352 
VAL HA   H  N N 353 
VAL HB   H  N N 354 
VAL HG11 H  N N 355 
VAL HG12 H  N N 356 
VAL HG13 H  N N 357 
VAL HG21 H  N N 358 
VAL HG22 H  N N 359 
VAL HG23 H  N N 360 
VAL HXT  H  N N 361 
# 
loop_
_chem_comp_bond.comp_id 
_chem_comp_bond.atom_id_1 
_chem_comp_bond.atom_id_2 
_chem_comp_bond.value_order 
_chem_comp_bond.pdbx_aromatic_flag 
_chem_comp_bond.pdbx_stereo_config 
_chem_comp_bond.pdbx_ordinal 
ALA N   CA   sing N N 1   
ALA N   H    sing N N 2   
ALA N   H2   sing N N 3   
ALA CA  C    sing N N 4   
ALA CA  CB   sing N N 5   
ALA CA  HA   sing N N 6   
ALA C   O    doub N N 7   
ALA C   OXT  sing N N 8   
ALA CB  HB1  sing N N 9   
ALA CB  HB2  sing N N 10  
ALA CB  HB3  sing N N 11  
ALA OXT HXT  sing N N 12  
ARG N   CA   sing N N 13  
ARG N   H    sing N N 14  
ARG N   H2   sing N N 15  
ARG CA  C    sing N N 16  
ARG CA  CB   sing N N 17  
ARG CA  HA   sing N N 18  
ARG C   O    doub N N 19  
ARG C   OXT  sing N N 20  
ARG CB  CG   sing N N 21  
ARG CB  HB2  sing N N 22  
ARG CB  HB3  sing N N 23  
ARG CG  CD   sing N N 24  
ARG CG  HG2  sing N N 25  
ARG CG  HG3  sing N N 26  
ARG CD  NE   sing N N 27  
ARG CD  HD2  sing N N 28  
ARG CD  HD3  sing N N 29  
ARG NE  CZ   sing N N 30  
ARG NE  HE   sing N N 31  
ARG CZ  NH1  sing N N 32  
ARG CZ  NH2  doub N N 33  
ARG NH1 HH11 sing N N 34  
ARG NH1 HH12 sing N N 35  
ARG NH2 HH21 sing N N 36  
ARG NH2 HH22 sing N N 37  
ARG OXT HXT  sing N N 38  
ASN N   CA   sing N N 39  
ASN N   H    sing N N 40  
ASN N   H2   sing N N 41  
ASN CA  C    sing N N 42  
ASN CA  CB   sing N N 43  
ASN CA  HA   sing N N 44  
ASN C   O    doub N N 45  
ASN C   OXT  sing N N 46  
ASN CB  CG   sing N N 47  
ASN CB  HB2  sing N N 48  
ASN CB  HB3  sing N N 49  
ASN CG  OD1  doub N N 50  
ASN CG  ND2  sing N N 51  
ASN ND2 HD21 sing N N 52  
ASN ND2 HD22 sing N N 53  
ASN OXT HXT  sing N N 54  
ASP N   CA   sing N N 55  
ASP N   H    sing N N 56  
ASP N   H2   sing N N 57  
ASP CA  C    sing N N 58  
ASP CA  CB   sing N N 59  
ASP CA  HA   sing N N 60  
ASP C   O    doub N N 61  
ASP C   OXT  sing N N 62  
ASP CB  CG   sing N N 63  
ASP CB  HB2  sing N N 64  
ASP CB  HB3  sing N N 65  
ASP CG  OD1  doub N N 66  
ASP CG  OD2  sing N N 67  
ASP OD2 HD2  sing N N 68  
ASP OXT HXT  sing N N 69  
CYS N   CA   sing N N 70  
CYS N   H    sing N N 71  
CYS N   H2   sing N N 72  
CYS CA  C    sing N N 73  
CYS CA  CB   sing N N 74  
CYS CA  HA   sing N N 75  
CYS C   O    doub N N 76  
CYS C   OXT  sing N N 77  
CYS CB  SG   sing N N 78  
CYS CB  HB2  sing N N 79  
CYS CB  HB3  sing N N 80  
CYS SG  HG   sing N N 81  
CYS OXT HXT  sing N N 82  
GLN N   CA   sing N N 83  
GLN N   H    sing N N 84  
GLN N   H2   sing N N 85  
GLN CA  C    sing N N 86  
GLN CA  CB   sing N N 87  
GLN CA  HA   sing N N 88  
GLN C   O    doub N N 89  
GLN C   OXT  sing N N 90  
GLN CB  CG   sing N N 91  
GLN CB  HB2  sing N N 92  
GLN CB  HB3  sing N N 93  
GLN CG  CD   sing N N 94  
GLN CG  HG2  sing N N 95  
GLN CG  HG3  sing N N 96  
GLN CD  OE1  doub N N 97  
GLN CD  NE2  sing N N 98  
GLN NE2 HE21 sing N N 99  
GLN NE2 HE22 sing N N 100 
GLN OXT HXT  sing N N 101 
GLU N   CA   sing N N 102 
GLU N   H    sing N N 103 
GLU N   H2   sing N N 104 
GLU CA  C    sing N N 105 
GLU CA  CB   sing N N 106 
GLU CA  HA   sing N N 107 
GLU C   O    doub N N 108 
GLU C   OXT  sing N N 109 
GLU CB  CG   sing N N 110 
GLU CB  HB2  sing N N 111 
GLU CB  HB3  sing N N 112 
GLU CG  CD   sing N N 113 
GLU CG  HG2  sing N N 114 
GLU CG  HG3  sing N N 115 
GLU CD  OE1  doub N N 116 
GLU CD  OE2  sing N N 117 
GLU OE2 HE2  sing N N 118 
GLU OXT HXT  sing N N 119 
GLY N   CA   sing N N 120 
GLY N   H    sing N N 121 
GLY N   H2   sing N N 122 
GLY CA  C    sing N N 123 
GLY CA  HA2  sing N N 124 
GLY CA  HA3  sing N N 125 
GLY C   O    doub N N 126 
GLY C   OXT  sing N N 127 
GLY OXT HXT  sing N N 128 
HIS N   CA   sing N N 129 
HIS N   H    sing N N 130 
HIS N   H2   sing N N 131 
HIS CA  C    sing N N 132 
HIS CA  CB   sing N N 133 
HIS CA  HA   sing N N 134 
HIS C   O    doub N N 135 
HIS C   OXT  sing N N 136 
HIS CB  CG   sing N N 137 
HIS CB  HB2  sing N N 138 
HIS CB  HB3  sing N N 139 
HIS CG  ND1  sing Y N 140 
HIS CG  CD2  doub Y N 141 
HIS ND1 CE1  doub Y N 142 
HIS ND1 HD1  sing N N 143 
HIS CD2 NE2  sing Y N 144 
HIS CD2 HD2  sing N N 145 
HIS CE1 NE2  sing Y N 146 
HIS CE1 HE1  sing N N 147 
HIS NE2 HE2  sing N N 148 
HIS OXT HXT  sing N N 149 
ILE N   CA   sing N N 150 
ILE N   H    sing N N 151 
ILE N   H2   sing N N 152 
ILE CA  C    sing N N 153 
ILE CA  CB   sing N N 154 
ILE CA  HA   sing N N 155 
ILE C   O    doub N N 156 
ILE C   OXT  sing N N 157 
ILE CB  CG1  sing N N 158 
ILE CB  CG2  sing N N 159 
ILE CB  HB   sing N N 160 
ILE CG1 CD1  sing N N 161 
ILE CG1 HG12 sing N N 162 
ILE CG1 HG13 sing N N 163 
ILE CG2 HG21 sing N N 164 
ILE CG2 HG22 sing N N 165 
ILE CG2 HG23 sing N N 166 
ILE CD1 HD11 sing N N 167 
ILE CD1 HD12 sing N N 168 
ILE CD1 HD13 sing N N 169 
ILE OXT HXT  sing N N 170 
LEU N   CA   sing N N 171 
LEU N   H    sing N N 172 
LEU N   H2   sing N N 173 
LEU CA  C    sing N N 174 
LEU CA  CB   sing N N 175 
LEU CA  HA   sing N N 176 
LEU C   O    doub N N 177 
LEU C   OXT  sing N N 178 
LEU CB  CG   sing N N 179 
LEU CB  HB2  sing N N 180 
LEU CB  HB3  sing N N 181 
LEU CG  CD1  sing N N 182 
LEU CG  CD2  sing N N 183 
LEU CG  HG   sing N N 184 
LEU CD1 HD11 sing N N 185 
LEU CD1 HD12 sing N N 186 
LEU CD1 HD13 sing N N 187 
LEU CD2 HD21 sing N N 188 
LEU CD2 HD22 sing N N 189 
LEU CD2 HD23 sing N N 190 
LEU OXT HXT  sing N N 191 
LYS N   CA   sing N N 192 
LYS N   H    sing N N 193 
LYS N   H2   sing N N 194 
LYS CA  C    sing N N 195 
LYS CA  CB   sing N N 196 
LYS CA  HA   sing N N 197 
LYS C   O    doub N N 198 
LYS C   OXT  sing N N 199 
LYS CB  CG   sing N N 200 
LYS CB  HB2  sing N N 201 
LYS CB  HB3  sing N N 202 
LYS CG  CD   sing N N 203 
LYS CG  HG2  sing N N 204 
LYS CG  HG3  sing N N 205 
LYS CD  CE   sing N N 206 
LYS CD  HD2  sing N N 207 
LYS CD  HD3  sing N N 208 
LYS CE  NZ   sing N N 209 
LYS CE  HE2  sing N N 210 
LYS CE  HE3  sing N N 211 
LYS NZ  HZ1  sing N N 212 
LYS NZ  HZ2  sing N N 213 
LYS NZ  HZ3  sing N N 214 
LYS OXT HXT  sing N N 215 
MET N   CA   sing N N 216 
MET N   H    sing N N 217 
MET N   H2   sing N N 218 
MET CA  C    sing N N 219 
MET CA  CB   sing N N 220 
MET CA  HA   sing N N 221 
MET C   O    doub N N 222 
MET C   OXT  sing N N 223 
MET CB  CG   sing N N 224 
MET CB  HB2  sing N N 225 
MET CB  HB3  sing N N 226 
MET CG  SD   sing N N 227 
MET CG  HG2  sing N N 228 
MET CG  HG3  sing N N 229 
MET SD  CE   sing N N 230 
MET CE  HE1  sing N N 231 
MET CE  HE2  sing N N 232 
MET CE  HE3  sing N N 233 
MET OXT HXT  sing N N 234 
PHE N   CA   sing N N 235 
PHE N   H    sing N N 236 
PHE N   H2   sing N N 237 
PHE CA  C    sing N N 238 
PHE CA  CB   sing N N 239 
PHE CA  HA   sing N N 240 
PHE C   O    doub N N 241 
PHE C   OXT  sing N N 242 
PHE CB  CG   sing N N 243 
PHE CB  HB2  sing N N 244 
PHE CB  HB3  sing N N 245 
PHE CG  CD1  doub Y N 246 
PHE CG  CD2  sing Y N 247 
PHE CD1 CE1  sing Y N 248 
PHE CD1 HD1  sing N N 249 
PHE CD2 CE2  doub Y N 250 
PHE CD2 HD2  sing N N 251 
PHE CE1 CZ   doub Y N 252 
PHE CE1 HE1  sing N N 253 
PHE CE2 CZ   sing Y N 254 
PHE CE2 HE2  sing N N 255 
PHE CZ  HZ   sing N N 256 
PHE OXT HXT  sing N N 257 
PRO N   CA   sing N N 258 
PRO N   CD   sing N N 259 
PRO N   H    sing N N 260 
PRO CA  C    sing N N 261 
PRO CA  CB   sing N N 262 
PRO CA  HA   sing N N 263 
PRO C   O    doub N N 264 
PRO C   OXT  sing N N 265 
PRO CB  CG   sing N N 266 
PRO CB  HB2  sing N N 267 
PRO CB  HB3  sing N N 268 
PRO CG  CD   sing N N 269 
PRO CG  HG2  sing N N 270 
PRO CG  HG3  sing N N 271 
PRO CD  HD2  sing N N 272 
PRO CD  HD3  sing N N 273 
PRO OXT HXT  sing N N 274 
SER N   CA   sing N N 275 
SER N   H    sing N N 276 
SER N   H2   sing N N 277 
SER CA  C    sing N N 278 
SER CA  CB   sing N N 279 
SER CA  HA   sing N N 280 
SER C   O    doub N N 281 
SER C   OXT  sing N N 282 
SER CB  OG   sing N N 283 
SER CB  HB2  sing N N 284 
SER CB  HB3  sing N N 285 
SER OG  HG   sing N N 286 
SER OXT HXT  sing N N 287 
THR N   CA   sing N N 288 
THR N   H    sing N N 289 
THR N   H2   sing N N 290 
THR CA  C    sing N N 291 
THR CA  CB   sing N N 292 
THR CA  HA   sing N N 293 
THR C   O    doub N N 294 
THR C   OXT  sing N N 295 
THR CB  OG1  sing N N 296 
THR CB  CG2  sing N N 297 
THR CB  HB   sing N N 298 
THR OG1 HG1  sing N N 299 
THR CG2 HG21 sing N N 300 
THR CG2 HG22 sing N N 301 
THR CG2 HG23 sing N N 302 
THR OXT HXT  sing N N 303 
TYR N   CA   sing N N 304 
TYR N   H    sing N N 305 
TYR N   H2   sing N N 306 
TYR CA  C    sing N N 307 
TYR CA  CB   sing N N 308 
TYR CA  HA   sing N N 309 
TYR C   O    doub N N 310 
TYR C   OXT  sing N N 311 
TYR CB  CG   sing N N 312 
TYR CB  HB2  sing N N 313 
TYR CB  HB3  sing N N 314 
TYR CG  CD1  doub Y N 315 
TYR CG  CD2  sing Y N 316 
TYR CD1 CE1  sing Y N 317 
TYR CD1 HD1  sing N N 318 
TYR CD2 CE2  doub Y N 319 
TYR CD2 HD2  sing N N 320 
TYR CE1 CZ   doub Y N 321 
TYR CE1 HE1  sing N N 322 
TYR CE2 CZ   sing Y N 323 
TYR CE2 HE2  sing N N 324 
TYR CZ  OH   sing N N 325 
TYR OH  HH   sing N N 326 
TYR OXT HXT  sing N N 327 
VAL N   CA   sing N N 328 
VAL N   H    sing N N 329 
VAL N   H2   sing N N 330 
VAL CA  C    sing N N 331 
VAL CA  CB   sing N N 332 
VAL CA  HA   sing N N 333 
VAL C   O    doub N N 334 
VAL C   OXT  sing N N 335 
VAL CB  CG1  sing N N 336 
VAL CB  CG2  sing N N 337 
VAL CB  HB   sing N N 338 
VAL CG1 HG11 sing N N 339 
VAL CG1 HG12 sing N N 340 
VAL CG1 HG13 sing N N 341 
VAL CG2 HG21 sing N N 342 
VAL CG2 HG22 sing N N 343 
VAL CG2 HG23 sing N N 344 
VAL OXT HXT  sing N N 345 
# 
_pdbx_entity_nonpoly.entity_id   2 
_pdbx_entity_nonpoly.name        'SODIUM ION' 
_pdbx_entity_nonpoly.comp_id     NA 
# 
_pdbx_initial_refinement_model.id               1 
_pdbx_initial_refinement_model.entity_id_list   ? 
_pdbx_initial_refinement_model.type             'experimental model' 
_pdbx_initial_refinement_model.source_name      PDB 
_pdbx_initial_refinement_model.accession_code   1XTE 
_pdbx_initial_refinement_model.details          ? 
# 
